data_5QJQ
#
_entry.id   5QJQ
#
_cell.length_a   48.923
_cell.length_b   59.630
_cell.length_c   79.839
_cell.angle_alpha   79.670
_cell.angle_beta   82.010
_cell.angle_gamma   76.260
#
_symmetry.space_group_name_H-M   'P 1'
#
loop_
_entity.id
_entity.type
_entity.pdbx_description
1 polymer 'ADP-sugar pyrophosphatase'
2 non-polymer 'MAGNESIUM ION'
3 non-polymer 'CHLORIDE ION'
4 non-polymer N,N-diethyl-5-methyl[1,2,4]triazolo[1,5-a]pyrimidin-7-amine
5 non-polymer 1,2-ETHANEDIOL
6 water water
#
_entity_poly.entity_id   1
_entity_poly.type   'polypeptide(L)'
_entity_poly.pdbx_seq_one_letter_code
;SMESQEPTESSQNGKQYIISEELISEGKWVKLEKTTYMDPTGKTRTWESVKRTTRKEQTADGVAVIPVLQRTLHYECIVL
VKQFRPPMGGYCIEFPAGLIDDGETPEAAALRELEEETGYKGDIAECSPAVCMDPGLSNCTIHIVTVTINGDDAENARPK
PKPGDGEFVEVISLPKNDLLQRLDALVAEEHLTVDARVYSYALALKHAN
;
_entity_poly.pdbx_strand_id   A,B,C,D
#
loop_
_chem_comp.id
_chem_comp.type
_chem_comp.name
_chem_comp.formula
CL non-polymer 'CHLORIDE ION' 'Cl -1'
EDO non-polymer 1,2-ETHANEDIOL 'C2 H6 O2'
K1S non-polymer N,N-diethyl-5-methyl[1,2,4]triazolo[1,5-a]pyrimidin-7-amine 'C10 H15 N5'
MG non-polymer 'MAGNESIUM ION' 'Mg 2'
#
# COMPACT_ATOMS: atom_id res chain seq x y z
N LYS A 15 38.33 -27.55 -2.07
CA LYS A 15 39.64 -26.83 -1.97
C LYS A 15 39.87 -26.29 -0.55
N GLN A 16 38.99 -25.43 -0.03
CA GLN A 16 39.26 -24.74 1.29
C GLN A 16 38.61 -25.40 2.46
N TYR A 17 39.26 -25.23 3.62
CA TYR A 17 38.81 -25.90 4.86
C TYR A 17 39.49 -25.26 6.04
N ILE A 18 38.88 -25.50 7.19
CA ILE A 18 39.33 -25.04 8.47
C ILE A 18 40.46 -25.95 8.94
N ILE A 19 41.54 -25.29 9.36
CA ILE A 19 42.69 -25.94 9.99
C ILE A 19 42.59 -25.89 11.53
N SER A 20 42.33 -24.72 12.11
CA SER A 20 42.12 -24.66 13.54
C SER A 20 41.22 -23.50 13.98
N GLU A 21 40.64 -23.60 15.17
CA GLU A 21 39.80 -22.54 15.75
C GLU A 21 40.32 -22.29 17.17
N GLU A 22 40.89 -21.12 17.44
CA GLU A 22 41.38 -20.74 18.76
C GLU A 22 40.48 -19.73 19.44
N LEU A 23 40.06 -20.03 20.67
CA LEU A 23 39.26 -19.09 21.42
C LEU A 23 40.09 -17.85 21.70
N ILE A 24 39.54 -16.68 21.42
CA ILE A 24 40.15 -15.38 21.84
C ILE A 24 39.48 -14.88 23.12
N SER A 25 38.15 -14.84 23.14
CA SER A 25 37.41 -14.26 24.24
C SER A 25 36.05 -14.90 24.26
N GLU A 26 35.57 -15.32 25.42
CA GLU A 26 34.32 -16.06 25.54
C GLU A 26 33.47 -15.33 26.59
N GLY A 27 32.36 -14.76 26.11
CA GLY A 27 31.29 -14.31 26.95
C GLY A 27 30.34 -15.37 27.42
N LYS A 28 29.26 -14.92 28.06
CA LYS A 28 28.16 -15.78 28.45
C LYS A 28 27.34 -16.23 27.24
N TRP A 29 27.21 -15.33 26.25
CA TRP A 29 26.35 -15.54 25.08
C TRP A 29 27.07 -15.56 23.72
N VAL A 30 28.24 -14.95 23.63
CA VAL A 30 28.96 -14.77 22.37
C VAL A 30 30.45 -14.99 22.65
N LYS A 31 31.15 -15.57 21.68
CA LYS A 31 32.59 -15.71 21.73
C LYS A 31 33.21 -15.25 20.42
N LEU A 32 34.49 -14.90 20.49
CA LEU A 32 35.29 -14.54 19.37
C LEU A 32 36.43 -15.55 19.22
N GLU A 33 36.63 -16.06 18.01
CA GLU A 33 37.66 -17.03 17.68
C GLU A 33 38.64 -16.54 16.59
N LYS A 34 39.90 -17.00 16.65
CA LYS A 34 40.85 -16.84 15.55
C LYS A 34 40.76 -18.11 14.73
N THR A 35 40.26 -18.01 13.51
CA THR A 35 40.11 -19.15 12.61
C THR A 35 41.31 -19.26 11.68
N THR A 36 41.95 -20.44 11.61
CA THR A 36 42.96 -20.68 10.60
C THR A 36 42.37 -21.59 9.58
N TYR A 37 42.58 -21.22 8.32
CA TYR A 37 42.06 -21.99 7.18
C TYR A 37 42.99 -22.03 6.00
N MET A 38 42.69 -22.97 5.12
CA MET A 38 43.51 -23.21 3.93
C MET A 38 42.87 -22.47 2.76
N ASP A 39 43.61 -21.54 2.17
CA ASP A 39 43.09 -20.81 0.98
C ASP A 39 43.21 -21.66 -0.29
N PRO A 40 42.59 -21.23 -1.39
CA PRO A 40 42.58 -22.15 -2.53
C PRO A 40 43.87 -22.15 -3.34
N THR A 41 44.84 -21.27 -3.01
CA THR A 41 46.22 -21.36 -3.55
C THR A 41 47.11 -22.36 -2.79
N GLY A 42 46.61 -22.95 -1.69
CA GLY A 42 47.39 -23.85 -0.82
C GLY A 42 48.09 -23.18 0.38
N LYS A 43 47.88 -21.87 0.53
CA LYS A 43 48.42 -21.07 1.61
C LYS A 43 47.45 -21.01 2.83
N THR A 44 48.05 -21.00 4.01
CA THR A 44 47.41 -20.93 5.31
C THR A 44 47.04 -19.41 5.58
N ARG A 45 45.77 -19.11 5.91
CA ARG A 45 45.33 -17.76 6.30
C ARG A 45 44.45 -17.76 7.58
N THR A 46 44.24 -16.57 8.14
CA THR A 46 43.41 -16.41 9.34
C THR A 46 42.20 -15.46 9.11
N TRP A 47 41.23 -15.61 9.99
CA TRP A 47 39.97 -14.87 9.96
C TRP A 47 39.55 -14.67 11.41
N GLU A 48 38.90 -13.57 11.75
CA GLU A 48 38.27 -13.39 13.05
C GLU A 48 36.79 -13.79 12.98
N SER A 49 36.43 -14.83 13.72
CA SER A 49 35.08 -15.43 13.70
C SER A 49 34.29 -15.21 14.97
N VAL A 50 33.02 -14.82 14.81
CA VAL A 50 32.07 -14.69 15.91
C VAL A 50 31.18 -15.93 15.94
N LYS A 51 30.96 -16.47 17.13
CA LYS A 51 30.03 -17.55 17.31
C LYS A 51 29.21 -17.37 18.58
N ARG A 52 27.99 -17.89 18.64
CA ARG A 52 27.27 -17.93 19.92
C ARG A 52 27.79 -19.07 20.78
N THR A 53 27.57 -18.93 22.08
CA THR A 53 27.87 -19.98 23.06
C THR A 53 26.70 -20.97 23.32
N THR A 54 25.55 -20.66 22.75
CA THR A 54 24.29 -21.29 23.00
C THR A 54 23.90 -22.40 22.03
N ARG A 55 24.73 -22.70 21.03
CA ARG A 55 24.30 -23.64 20.01
C ARG A 55 24.79 -25.01 20.38
N LYS A 56 23.91 -26.01 20.40
CA LYS A 56 24.30 -27.34 20.86
C LYS A 56 24.11 -28.35 19.75
N GLU A 57 22.96 -29.03 19.75
CA GLU A 57 22.65 -29.97 18.67
C GLU A 57 21.67 -29.36 17.62
N GLN A 58 21.19 -28.15 17.86
CA GLN A 58 20.25 -27.55 16.92
C GLN A 58 20.87 -27.52 15.51
N THR A 59 20.02 -27.63 14.50
CA THR A 59 20.43 -27.48 13.09
C THR A 59 20.75 -26.03 12.73
N ALA A 60 20.46 -25.13 13.67
CA ALA A 60 20.77 -23.71 13.55
C ALA A 60 20.67 -23.07 14.89
N ASP A 61 21.13 -21.84 14.98
CA ASP A 61 20.99 -21.11 16.20
C ASP A 61 19.56 -20.72 16.52
N GLY A 62 18.87 -20.22 15.50
CA GLY A 62 17.56 -19.66 15.74
C GLY A 62 16.58 -19.86 14.60
N VAL A 63 15.42 -19.22 14.76
CA VAL A 63 14.42 -19.13 13.74
C VAL A 63 14.01 -17.68 13.54
N ALA A 64 13.65 -17.38 12.33
CA ALA A 64 12.85 -16.16 12.05
C ALA A 64 11.56 -16.61 11.38
N VAL A 65 10.49 -15.90 11.67
CA VAL A 65 9.19 -16.32 11.26
C VAL A 65 8.67 -15.26 10.25
N ILE A 66 8.23 -15.75 9.11
CA ILE A 66 7.51 -14.91 8.12
C ILE A 66 6.00 -15.16 8.34
N PRO A 67 5.29 -14.26 9.03
CA PRO A 67 3.93 -14.59 9.49
C PRO A 67 2.93 -13.85 8.63
N VAL A 68 2.25 -14.62 7.83
CA VAL A 68 1.27 -14.07 6.88
C VAL A 68 -0.09 -14.11 7.49
N LEU A 69 -0.60 -12.93 7.82
CA LEU A 69 -1.86 -12.79 8.51
C LEU A 69 -2.95 -12.70 7.49
N GLN A 70 -3.88 -13.68 7.53
CA GLN A 70 -4.92 -13.85 6.50
C GLN A 70 -6.28 -13.69 7.12
N ARG A 71 -7.10 -12.82 6.55
CA ARG A 71 -8.41 -12.51 7.10
C ARG A 71 -9.34 -12.27 5.99
N THR A 72 -10.57 -12.76 6.17
CA THR A 72 -11.61 -12.54 5.16
C THR A 72 -11.81 -11.04 4.95
N LEU A 73 -11.79 -10.67 3.69
CA LEU A 73 -12.07 -9.30 3.18
C LEU A 73 -11.01 -8.32 3.68
N HIS A 74 -9.83 -8.87 3.98
CA HIS A 74 -8.62 -8.01 4.26
C HIS A 74 -7.52 -8.42 3.32
N TYR A 75 -6.67 -7.45 2.97
CA TYR A 75 -5.46 -7.76 2.33
C TYR A 75 -4.57 -8.52 3.30
N GLU A 76 -3.75 -9.40 2.74
CA GLU A 76 -2.77 -10.20 3.59
C GLU A 76 -1.78 -9.24 4.21
N CYS A 77 -1.43 -9.47 5.49
CA CYS A 77 -0.45 -8.62 6.16
C CYS A 77 0.74 -9.49 6.53
N ILE A 78 1.90 -8.87 6.61
CA ILE A 78 3.13 -9.46 7.16
C ILE A 78 3.21 -8.93 8.56
N VAL A 79 3.34 -9.81 9.54
CA VAL A 79 3.38 -9.40 10.92
C VAL A 79 4.86 -9.24 11.31
N LEU A 80 5.21 -8.03 11.77
CA LEU A 80 6.57 -7.67 12.18
C LEU A 80 6.61 -7.22 13.64
N VAL A 81 7.81 -7.16 14.21
CA VAL A 81 7.94 -6.72 15.59
C VAL A 81 8.97 -5.65 15.68
N LYS A 82 8.75 -4.75 16.61
CA LYS A 82 9.68 -3.61 16.85
C LYS A 82 10.13 -3.75 18.32
N GLN A 83 11.46 -3.75 18.53
CA GLN A 83 12.05 -3.87 19.85
C GLN A 83 13.31 -3.07 19.89
N PHE A 84 13.73 -2.76 21.08
CA PHE A 84 15.04 -2.17 21.31
C PHE A 84 16.10 -3.28 21.24
N ARG A 85 17.15 -3.01 20.53
CA ARG A 85 18.26 -3.95 20.29
C ARG A 85 19.54 -3.30 20.80
N PRO A 86 20.02 -3.77 21.95
CA PRO A 86 21.22 -3.15 22.51
C PRO A 86 22.41 -3.08 21.57
N PRO A 87 22.74 -4.13 20.76
CA PRO A 87 23.86 -4.01 19.81
C PRO A 87 23.70 -2.85 18.86
N MET A 88 22.49 -2.50 18.47
CA MET A 88 22.24 -1.40 17.57
C MET A 88 22.09 -0.03 18.24
N GLY A 89 21.88 -0.02 19.55
CA GLY A 89 21.59 1.23 20.27
C GLY A 89 20.27 1.88 19.87
N GLY A 90 19.25 1.08 19.51
CA GLY A 90 18.01 1.67 19.06
C GLY A 90 17.04 0.59 18.69
N TYR A 91 15.89 1.04 18.16
CA TYR A 91 14.77 0.17 17.81
C TYR A 91 14.90 -0.35 16.38
N CYS A 92 14.48 -1.61 16.22
CA CYS A 92 14.59 -2.28 14.94
C CYS A 92 13.29 -2.95 14.63
N ILE A 93 13.00 -3.04 13.34
CA ILE A 93 11.79 -3.71 12.85
C ILE A 93 12.27 -4.99 12.15
N GLU A 94 11.76 -6.13 12.65
CA GLU A 94 12.25 -7.46 12.28
C GLU A 94 11.07 -8.46 12.18
N PHE A 95 11.35 -9.55 11.45
CA PHE A 95 10.48 -10.73 11.60
C PHE A 95 10.53 -11.20 13.05
N PRO A 96 9.41 -11.75 13.59
CA PRO A 96 9.51 -12.39 14.90
C PRO A 96 10.60 -13.48 14.85
N ALA A 97 11.34 -13.67 15.91
CA ALA A 97 12.55 -14.48 15.90
C ALA A 97 13.00 -14.79 17.29
N GLY A 98 13.67 -15.95 17.43
CA GLY A 98 14.36 -16.28 18.69
C GLY A 98 15.24 -17.48 18.50
N LEU A 99 16.03 -17.77 19.53
CA LEU A 99 16.85 -18.97 19.49
C LEU A 99 16.02 -20.24 19.69
N ILE A 100 16.52 -21.33 19.14
CA ILE A 100 15.84 -22.61 19.20
C ILE A 100 16.28 -23.21 20.52
N ASP A 101 15.32 -23.62 21.37
CA ASP A 101 15.70 -24.22 22.66
C ASP A 101 16.26 -25.62 22.41
N ASP A 102 17.05 -26.09 23.37
CA ASP A 102 17.61 -27.42 23.31
C ASP A 102 16.53 -28.49 23.10
N GLY A 103 16.67 -29.28 22.05
CA GLY A 103 15.72 -30.35 21.72
C GLY A 103 14.44 -29.88 21.07
N GLU A 104 14.34 -28.60 20.77
CA GLU A 104 13.16 -28.08 20.14
C GLU A 104 13.34 -28.19 18.62
N THR A 105 12.27 -28.41 17.88
CA THR A 105 12.40 -28.43 16.44
C THR A 105 12.25 -26.98 15.91
N PRO A 106 12.84 -26.65 14.75
CA PRO A 106 12.67 -25.26 14.21
C PRO A 106 11.23 -24.82 14.08
N GLU A 107 10.35 -25.72 13.62
CA GLU A 107 8.94 -25.39 13.51
C GLU A 107 8.28 -25.01 14.83
N ALA A 108 8.61 -25.76 15.86
CA ALA A 108 8.04 -25.52 17.19
C ALA A 108 8.58 -24.22 17.73
N ALA A 109 9.88 -23.98 17.55
CA ALA A 109 10.51 -22.71 17.96
C ALA A 109 9.80 -21.55 17.28
N ALA A 110 9.56 -21.67 16.00
CA ALA A 110 8.88 -20.61 15.24
C ALA A 110 7.51 -20.32 15.76
N LEU A 111 6.69 -21.36 15.94
CA LEU A 111 5.35 -21.14 16.42
C LEU A 111 5.33 -20.55 17.82
N ARG A 112 6.23 -21.01 18.66
CA ARG A 112 6.37 -20.52 20.00
C ARG A 112 6.83 -19.06 20.02
N GLU A 113 7.90 -18.73 19.30
CA GLU A 113 8.36 -17.35 19.27
C GLU A 113 7.31 -16.41 18.66
N LEU A 114 6.63 -16.83 17.59
CA LEU A 114 5.55 -16.02 17.08
C LEU A 114 4.47 -15.74 18.14
N GLU A 115 4.02 -16.77 18.88
CA GLU A 115 3.01 -16.53 19.89
C GLU A 115 3.52 -15.62 21.01
N GLU A 116 4.74 -15.88 21.47
CA GLU A 116 5.34 -15.10 22.58
C GLU A 116 5.50 -13.62 22.20
N GLU A 117 5.94 -13.37 20.96
CA GLU A 117 6.24 -12.00 20.52
C GLU A 117 5.04 -11.23 20.01
N THR A 118 4.05 -11.93 19.46
CA THR A 118 2.91 -11.30 18.82
C THR A 118 1.54 -11.63 19.37
N GLY A 119 1.44 -12.75 20.08
CA GLY A 119 0.16 -13.29 20.53
C GLY A 119 -0.54 -14.20 19.53
N TYR A 120 -0.13 -14.14 18.27
CA TYR A 120 -0.76 -14.95 17.27
C TYR A 120 -0.36 -16.42 17.30
N LYS A 121 -1.40 -17.25 17.05
CA LYS A 121 -1.22 -18.69 16.82
C LYS A 121 -1.24 -19.05 15.36
N GLY A 122 -0.11 -19.43 14.82
CA GLY A 122 0.08 -19.61 13.40
C GLY A 122 -0.06 -21.08 13.04
N ASP A 123 -0.02 -21.37 11.75
CA ASP A 123 0.02 -22.73 11.19
C ASP A 123 1.23 -22.78 10.30
N ILE A 124 2.07 -23.77 10.44
CA ILE A 124 3.23 -23.95 9.57
C ILE A 124 2.86 -24.02 8.11
N ALA A 125 3.58 -23.26 7.31
CA ALA A 125 3.57 -23.43 5.86
C ALA A 125 4.76 -24.09 5.32
N GLU A 126 5.97 -23.57 5.61
CA GLU A 126 7.22 -24.08 5.07
C GLU A 126 8.35 -23.74 5.99
N CYS A 127 9.38 -24.54 5.91
CA CYS A 127 10.59 -24.35 6.73
C CYS A 127 11.81 -24.43 5.87
N SER A 128 12.66 -23.41 5.90
CA SER A 128 13.89 -23.39 5.14
C SER A 128 14.96 -24.29 5.68
N PRO A 129 15.94 -24.62 4.83
CA PRO A 129 17.18 -25.13 5.45
C PRO A 129 17.88 -24.07 6.31
N ALA A 130 18.84 -24.46 7.10
CA ALA A 130 19.62 -23.46 7.82
C ALA A 130 20.31 -22.48 6.90
N VAL A 131 20.07 -21.18 7.14
CA VAL A 131 20.62 -20.14 6.28
C VAL A 131 21.47 -19.23 7.11
N CYS A 132 22.51 -18.63 6.51
CA CYS A 132 23.47 -17.84 7.30
C CYS A 132 23.17 -16.38 7.42
N MET A 133 23.34 -15.88 8.63
CA MET A 133 23.07 -14.53 9.03
C MET A 133 24.06 -13.46 8.55
N ASP A 134 25.38 -13.69 8.66
CA ASP A 134 26.34 -12.70 8.24
C ASP A 134 27.69 -13.47 8.07
N PRO A 135 27.83 -14.27 6.98
CA PRO A 135 28.79 -15.39 6.98
C PRO A 135 30.24 -14.94 6.89
N GLY A 136 30.47 -13.69 6.51
CA GLY A 136 31.86 -13.12 6.60
C GLY A 136 32.28 -12.76 8.00
N LEU A 137 31.37 -12.86 8.96
CA LEU A 137 31.64 -12.46 10.34
C LEU A 137 31.36 -13.54 11.36
N SER A 138 30.18 -14.15 11.28
CA SER A 138 29.75 -15.14 12.25
C SER A 138 29.35 -16.44 11.61
N ASN A 139 29.24 -17.45 12.46
CA ASN A 139 28.69 -18.76 12.05
C ASN A 139 27.20 -18.85 12.23
N CYS A 140 26.58 -17.77 12.62
CA CYS A 140 25.18 -17.84 13.02
C CYS A 140 24.24 -18.18 11.88
N THR A 141 23.30 -19.06 12.19
CA THR A 141 22.36 -19.56 11.20
C THR A 141 20.98 -19.58 11.83
N ILE A 142 20.02 -19.47 10.94
CA ILE A 142 18.59 -19.61 11.29
C ILE A 142 17.88 -20.53 10.32
N HIS A 143 16.73 -21.07 10.74
CA HIS A 143 15.69 -21.45 9.78
C HIS A 143 14.65 -20.33 9.64
N ILE A 144 14.33 -20.02 8.40
CA ILE A 144 13.25 -19.11 8.09
C ILE A 144 12.00 -19.96 7.92
N VAL A 145 11.05 -19.70 8.77
CA VAL A 145 9.78 -20.48 8.86
C VAL A 145 8.62 -19.62 8.45
N THR A 146 7.96 -20.00 7.34
CA THR A 146 6.79 -19.28 6.84
C THR A 146 5.61 -19.92 7.57
N VAL A 147 4.78 -19.08 8.14
CA VAL A 147 3.59 -19.49 8.89
C VAL A 147 2.43 -18.62 8.43
N THR A 148 1.25 -19.21 8.26
CA THR A 148 0.02 -18.47 8.02
C THR A 148 -0.72 -18.30 9.34
N ILE A 149 -1.39 -17.18 9.54
CA ILE A 149 -2.15 -16.92 10.71
C ILE A 149 -3.60 -16.74 10.26
N ASN A 150 -4.52 -17.53 10.81
CA ASN A 150 -5.91 -17.38 10.39
C ASN A 150 -6.49 -16.33 11.32
N GLY A 151 -6.53 -15.04 10.86
CA GLY A 151 -7.03 -13.96 11.69
C GLY A 151 -8.56 -13.93 11.81
N ASP A 152 -9.26 -14.84 11.15
CA ASP A 152 -10.71 -15.06 11.45
C ASP A 152 -10.93 -15.98 12.67
N ASP A 153 -9.96 -16.83 13.01
CA ASP A 153 -10.12 -17.69 14.16
C ASP A 153 -10.15 -16.85 15.44
N ALA A 154 -11.02 -17.25 16.38
CA ALA A 154 -11.26 -16.46 17.58
C ALA A 154 -10.01 -16.39 18.49
N GLU A 155 -9.17 -17.42 18.42
CA GLU A 155 -7.87 -17.43 19.10
C GLU A 155 -6.94 -16.29 18.67
N ASN A 156 -7.20 -15.67 17.51
CA ASN A 156 -6.34 -14.65 16.95
C ASN A 156 -7.06 -13.32 16.81
N ALA A 157 -8.18 -13.16 17.53
CA ALA A 157 -9.03 -11.93 17.47
C ALA A 157 -8.36 -10.76 18.16
N ARG A 158 -7.96 -10.95 19.42
CA ARG A 158 -7.34 -9.88 20.22
C ARG A 158 -6.08 -10.46 20.89
N PRO A 159 -5.02 -10.68 20.09
CA PRO A 159 -3.82 -11.40 20.54
C PRO A 159 -2.90 -10.55 21.45
N LYS A 160 -2.54 -11.09 22.62
CA LYS A 160 -1.65 -10.41 23.59
C LYS A 160 -0.23 -11.03 23.56
N PRO A 161 0.80 -10.27 23.14
CA PRO A 161 2.19 -10.76 23.37
C PRO A 161 2.42 -11.34 24.79
N LYS A 162 3.10 -12.49 24.90
CA LYS A 162 3.59 -13.02 26.20
C LYS A 162 5.10 -12.82 26.27
N PRO A 163 5.56 -11.60 26.60
CA PRO A 163 7.01 -11.38 26.64
C PRO A 163 7.68 -12.08 27.86
N GLY A 164 8.86 -12.66 27.63
CA GLY A 164 9.70 -13.21 28.71
C GLY A 164 10.32 -12.14 29.58
N ASP A 165 11.26 -12.55 30.44
CA ASP A 165 12.02 -11.60 31.28
C ASP A 165 12.96 -10.77 30.38
N GLY A 166 12.84 -9.44 30.44
CA GLY A 166 13.65 -8.59 29.57
C GLY A 166 13.20 -8.54 28.11
N GLU A 167 11.97 -9.00 27.82
CA GLU A 167 11.35 -8.90 26.47
C GLU A 167 10.26 -7.83 26.47
N PHE A 168 10.31 -6.91 25.49
CA PHE A 168 9.39 -5.76 25.38
C PHE A 168 9.14 -5.43 23.91
N VAL A 169 8.13 -6.07 23.36
CA VAL A 169 7.94 -6.12 21.95
C VAL A 169 6.63 -5.45 21.50
N GLU A 170 6.73 -4.66 20.43
CA GLU A 170 5.59 -4.05 19.73
C GLU A 170 5.33 -4.78 18.41
N VAL A 171 4.06 -5.06 18.11
CA VAL A 171 3.65 -5.69 16.85
C VAL A 171 3.22 -4.67 15.81
N ILE A 172 3.72 -4.84 14.59
CA ILE A 172 3.41 -3.99 13.46
C ILE A 172 3.05 -4.86 12.30
N SER A 173 1.78 -4.85 11.92
CA SER A 173 1.28 -5.63 10.82
C SER A 173 1.10 -4.76 9.60
N LEU A 174 1.75 -5.08 8.53
CA LEU A 174 1.75 -4.24 7.32
C LEU A 174 1.25 -4.99 6.13
N PRO A 175 0.44 -4.34 5.23
CA PRO A 175 0.01 -5.11 4.07
C PRO A 175 1.04 -5.55 3.15
N LYS A 176 1.02 -6.84 2.82
CA LYS A 176 1.95 -7.43 1.95
C LYS A 176 2.07 -6.71 0.58
N ASN A 177 0.92 -6.22 0.08
CA ASN A 177 0.86 -5.59 -1.20
C ASN A 177 1.49 -4.18 -1.22
N ASP A 178 1.88 -3.65 -0.08
CA ASP A 178 2.54 -2.32 -0.03
C ASP A 178 3.70 -2.31 0.97
N LEU A 179 4.36 -3.46 1.14
CA LEU A 179 5.22 -3.60 2.29
C LEU A 179 6.44 -2.62 2.25
N LEU A 180 7.06 -2.51 1.10
CA LEU A 180 8.30 -1.72 0.95
C LEU A 180 7.95 -0.24 1.23
N GLN A 181 6.87 0.28 0.65
CA GLN A 181 6.49 1.67 0.90
C GLN A 181 6.12 1.94 2.32
N ARG A 182 5.45 0.96 2.95
CA ARG A 182 5.07 1.12 4.31
C ARG A 182 6.26 1.13 5.28
N LEU A 183 7.29 0.33 4.95
CA LEU A 183 8.53 0.30 5.73
C LEU A 183 9.26 1.63 5.55
N ASP A 184 9.36 2.05 4.31
CA ASP A 184 9.99 3.39 4.02
C ASP A 184 9.30 4.48 4.81
N ALA A 185 7.98 4.45 4.91
CA ALA A 185 7.26 5.48 5.62
C ALA A 185 7.53 5.43 7.12
N LEU A 186 7.65 4.22 7.69
CA LEU A 186 8.12 4.09 9.05
C LEU A 186 9.51 4.62 9.28
N VAL A 187 10.45 4.36 8.37
CA VAL A 187 11.83 4.82 8.51
C VAL A 187 11.86 6.35 8.39
N ALA A 188 11.05 6.89 7.48
CA ALA A 188 11.00 8.36 7.32
C ALA A 188 10.49 9.13 8.56
N GLU A 189 9.55 8.55 9.31
CA GLU A 189 8.85 9.25 10.41
C GLU A 189 9.35 8.87 11.80
N GLU A 190 10.35 7.99 11.88
CA GLU A 190 10.91 7.59 13.17
C GLU A 190 12.37 7.15 13.08
N HIS A 191 13.07 7.18 14.22
CA HIS A 191 14.44 6.68 14.30
C HIS A 191 14.42 5.18 14.54
N LEU A 192 14.38 4.42 13.45
CA LEU A 192 14.42 2.97 13.58
C LEU A 192 15.23 2.39 12.43
N THR A 193 15.58 1.11 12.53
CA THR A 193 16.26 0.44 11.48
C THR A 193 15.42 -0.76 11.08
N VAL A 194 15.34 -0.96 9.80
CA VAL A 194 14.68 -2.15 9.28
C VAL A 194 15.71 -3.23 9.16
N ASP A 195 15.30 -4.47 9.51
CA ASP A 195 16.15 -5.64 9.34
C ASP A 195 16.38 -5.97 7.85
N ALA A 196 17.60 -6.39 7.53
CA ALA A 196 17.94 -6.67 6.12
C ALA A 196 17.15 -7.82 5.48
N ARG A 197 16.76 -8.80 6.27
CA ARG A 197 15.88 -9.90 5.74
C ARG A 197 14.45 -9.39 5.41
N VAL A 198 13.92 -8.56 6.26
CA VAL A 198 12.63 -7.90 6.07
C VAL A 198 12.70 -7.04 4.83
N TYR A 199 13.76 -6.20 4.72
CA TYR A 199 13.90 -5.34 3.54
C TYR A 199 14.04 -6.14 2.24
N SER A 200 14.79 -7.24 2.29
CA SER A 200 15.03 -8.12 1.18
C SER A 200 13.69 -8.71 0.69
N TYR A 201 12.92 -9.16 1.65
CA TYR A 201 11.59 -9.72 1.42
C TYR A 201 10.68 -8.66 0.79
N ALA A 202 10.68 -7.47 1.33
CA ALA A 202 9.85 -6.34 0.77
C ALA A 202 10.31 -5.93 -0.63
N LEU A 203 11.61 -5.94 -0.89
CA LEU A 203 12.11 -5.66 -2.28
C LEU A 203 11.63 -6.69 -3.29
N ALA A 204 11.76 -7.98 -2.94
CA ALA A 204 11.31 -9.03 -3.87
C ALA A 204 9.79 -8.91 -4.15
N LEU A 205 8.99 -8.58 -3.16
CA LEU A 205 7.53 -8.39 -3.33
C LEU A 205 7.26 -7.32 -4.38
N LYS A 206 8.03 -6.23 -4.32
CA LYS A 206 7.99 -5.20 -5.39
C LYS A 206 8.48 -5.75 -6.71
N HIS A 207 9.63 -6.42 -6.72
CA HIS A 207 10.28 -6.88 -7.95
C HIS A 207 9.46 -7.92 -8.68
N ALA A 208 8.58 -8.62 -7.97
CA ALA A 208 7.76 -9.61 -8.62
C ALA A 208 6.57 -8.87 -9.30
N LYS B 15 11.99 5.25 25.36
CA LYS B 15 11.88 4.55 26.67
C LYS B 15 13.13 3.71 26.99
N GLN B 16 13.68 2.95 26.02
CA GLN B 16 14.95 2.21 26.28
C GLN B 16 16.11 2.91 25.63
N TYR B 17 17.29 2.81 26.22
CA TYR B 17 18.44 3.51 25.74
C TYR B 17 19.70 2.89 26.31
N ILE B 18 20.81 3.15 25.63
CA ILE B 18 22.16 2.76 26.04
C ILE B 18 22.68 3.71 27.15
N ILE B 19 23.23 3.13 28.20
CA ILE B 19 23.80 3.88 29.30
C ILE B 19 25.31 3.92 29.12
N SER B 20 25.96 2.75 28.94
CA SER B 20 27.41 2.68 28.64
C SER B 20 27.84 1.44 27.93
N GLU B 21 29.06 1.48 27.38
CA GLU B 21 29.61 0.34 26.66
C GLU B 21 31.01 0.05 27.12
N GLU B 22 31.22 -1.19 27.49
CA GLU B 22 32.50 -1.68 27.95
C GLU B 22 33.16 -2.59 26.95
N LEU B 23 34.39 -2.25 26.54
CA LEU B 23 35.16 -3.08 25.66
C LEU B 23 35.55 -4.40 26.34
N ILE B 24 35.23 -5.51 25.72
CA ILE B 24 35.62 -6.82 26.27
C ILE B 24 36.88 -7.32 25.55
N SER B 25 36.88 -7.25 24.22
CA SER B 25 38.01 -7.79 23.42
C SER B 25 37.94 -7.17 22.03
N GLU B 26 39.10 -6.78 21.47
CA GLU B 26 39.20 -6.03 20.25
C GLU B 26 40.18 -6.70 19.37
N GLY B 27 39.69 -7.21 18.25
CA GLY B 27 40.55 -7.81 17.23
C GLY B 27 40.96 -6.76 16.20
N LYS B 28 41.59 -7.21 15.11
CA LYS B 28 41.84 -6.33 14.01
C LYS B 28 40.58 -5.90 13.26
N TRP B 29 39.63 -6.84 13.15
CA TRP B 29 38.43 -6.69 12.31
C TRP B 29 37.12 -6.62 13.11
N VAL B 30 37.10 -7.19 14.30
CA VAL B 30 35.84 -7.33 15.08
C VAL B 30 36.19 -7.16 16.55
N LYS B 31 35.24 -6.57 17.30
CA LYS B 31 35.28 -6.48 18.75
C LYS B 31 34.01 -6.97 19.43
N LEU B 32 34.12 -7.28 20.73
CA LEU B 32 33.05 -7.68 21.57
C LEU B 32 32.96 -6.71 22.70
N GLU B 33 31.75 -6.21 22.96
CA GLU B 33 31.49 -5.22 24.00
C GLU B 33 30.41 -5.71 24.96
N LYS B 34 30.43 -5.19 26.19
CA LYS B 34 29.33 -5.40 27.08
C LYS B 34 28.55 -4.11 27.17
N THR B 35 27.32 -4.14 26.71
CA THR B 35 26.44 -2.97 26.66
C THR B 35 25.51 -2.92 27.88
N THR B 36 25.50 -1.78 28.57
CA THR B 36 24.50 -1.60 29.63
C THR B 36 23.43 -0.67 29.04
N TYR B 37 22.18 -1.05 29.31
CA TYR B 37 21.00 -0.33 28.80
C TYR B 37 19.88 -0.34 29.81
N MET B 38 18.98 0.62 29.64
CA MET B 38 17.85 0.76 30.52
C MET B 38 16.71 0.02 29.90
N ASP B 39 16.12 -0.91 30.62
CA ASP B 39 14.99 -1.65 30.07
C ASP B 39 13.74 -0.77 30.32
N PRO B 40 12.62 -1.11 29.72
CA PRO B 40 11.52 -0.12 29.80
C PRO B 40 10.76 -0.10 31.17
N THR B 41 11.05 -1.05 32.06
CA THR B 41 10.62 -0.96 33.48
C THR B 41 11.45 -0.01 34.33
N GLY B 42 12.51 0.61 33.79
CA GLY B 42 13.48 1.39 34.60
C GLY B 42 14.57 0.57 35.30
N LYS B 43 14.73 -0.70 34.93
CA LYS B 43 15.82 -1.56 35.41
C LYS B 43 17.01 -1.58 34.41
N THR B 44 18.21 -1.54 34.93
CA THR B 44 19.41 -1.54 34.10
C THR B 44 19.84 -2.98 33.80
N ARG B 45 20.25 -3.24 32.56
CA ARG B 45 20.47 -4.63 32.07
C ARG B 45 21.72 -4.62 31.20
N THR B 46 22.32 -5.79 30.92
CA THR B 46 23.46 -5.90 30.07
C THR B 46 23.20 -6.83 28.86
N TRP B 47 23.99 -6.61 27.82
CA TRP B 47 23.93 -7.35 26.56
C TRP B 47 25.34 -7.51 26.03
N GLU B 48 25.62 -8.65 25.42
CA GLU B 48 26.92 -8.82 24.73
C GLU B 48 26.74 -8.44 23.25
N SER B 49 27.53 -7.47 22.79
CA SER B 49 27.38 -6.86 21.49
C SER B 49 28.63 -7.02 20.63
N VAL B 50 28.46 -7.39 19.38
CA VAL B 50 29.58 -7.47 18.42
C VAL B 50 29.55 -6.22 17.57
N LYS B 51 30.73 -5.66 17.28
CA LYS B 51 30.85 -4.59 16.30
C LYS B 51 32.09 -4.78 15.43
N ARG B 52 32.01 -4.32 14.19
CA ARG B 52 33.24 -4.25 13.40
C ARG B 52 34.12 -3.06 13.85
N THR B 53 35.43 -3.22 13.65
CA THR B 53 36.40 -2.14 13.91
C THR B 53 36.58 -1.19 12.69
N THR B 54 35.99 -1.50 11.55
CA THR B 54 36.21 -0.85 10.28
C THR B 54 35.21 0.26 9.91
N ARG B 55 34.18 0.53 10.70
CA ARG B 55 33.15 1.50 10.26
C ARG B 55 33.65 2.94 10.43
N LYS B 56 33.23 3.85 9.53
CA LYS B 56 33.72 5.26 9.43
C LYS B 56 32.74 6.38 9.78
N GLN B 58 30.94 6.19 7.41
CA GLN B 58 30.08 5.44 6.52
C GLN B 58 28.63 5.40 7.02
N THR B 59 27.70 5.39 6.05
CA THR B 59 26.24 5.19 6.22
C THR B 59 25.93 3.84 6.86
N ALA B 60 26.87 2.91 6.72
CA ALA B 60 26.73 1.50 7.02
C ALA B 60 28.09 0.82 6.88
N ASP B 61 28.22 -0.39 7.37
CA ASP B 61 29.45 -1.16 7.21
C ASP B 61 29.74 -1.55 5.75
N GLY B 62 28.68 -2.04 5.07
CA GLY B 62 28.79 -2.73 3.78
C GLY B 62 27.63 -2.43 2.84
N VAL B 63 27.76 -3.05 1.66
CA VAL B 63 26.72 -3.13 0.66
C VAL B 63 26.52 -4.55 0.27
N ALA B 64 25.28 -4.86 -0.09
CA ALA B 64 24.99 -6.11 -0.78
C ALA B 64 24.24 -5.71 -2.04
N VAL B 65 24.51 -6.41 -3.12
CA VAL B 65 23.96 -6.05 -4.39
C VAL B 65 22.97 -7.12 -4.83
N ILE B 66 21.76 -6.71 -5.18
CA ILE B 66 20.82 -7.59 -5.84
C ILE B 66 21.00 -7.34 -7.37
N PRO B 67 21.75 -8.23 -8.06
CA PRO B 67 22.14 -8.00 -9.47
C PRO B 67 21.21 -8.77 -10.40
N VAL B 68 20.38 -8.01 -11.11
CA VAL B 68 19.36 -8.52 -11.97
C VAL B 68 19.95 -8.53 -13.38
N LEU B 69 20.31 -9.71 -13.83
CA LEU B 69 20.94 -9.93 -15.18
C LEU B 69 19.84 -10.09 -16.20
N GLN B 70 19.77 -9.13 -17.10
CA GLN B 70 18.72 -9.04 -18.12
C GLN B 70 19.31 -9.29 -19.52
N ARG B 71 18.98 -10.42 -20.13
CA ARG B 71 19.36 -10.75 -21.49
C ARG B 71 18.07 -11.02 -22.27
N THR B 72 17.93 -10.42 -23.43
CA THR B 72 16.74 -10.70 -24.18
C THR B 72 16.65 -12.16 -24.60
N LEU B 73 15.41 -12.65 -24.65
CA LEU B 73 15.07 -14.04 -24.94
C LEU B 73 15.54 -15.06 -23.95
N HIS B 74 15.88 -14.57 -22.76
CA HIS B 74 16.31 -15.42 -21.63
C HIS B 74 15.49 -15.09 -20.42
N TYR B 75 15.41 -16.04 -19.47
CA TYR B 75 14.91 -15.63 -18.14
C TYR B 75 15.82 -14.58 -17.49
N GLU B 76 15.23 -13.60 -16.79
CA GLU B 76 16.01 -12.70 -15.89
C GLU B 76 16.64 -13.60 -14.84
N CYS B 77 17.93 -13.41 -14.59
CA CYS B 77 18.62 -14.10 -13.55
C CYS B 77 18.99 -13.12 -12.41
N ILE B 78 19.18 -13.72 -11.23
CA ILE B 78 19.79 -13.06 -10.12
C ILE B 78 21.16 -13.64 -10.05
N VAL B 79 22.13 -12.74 -9.97
CA VAL B 79 23.51 -13.16 -9.99
C VAL B 79 23.98 -13.35 -8.53
N LEU B 80 24.48 -14.50 -8.17
CA LEU B 80 24.93 -14.75 -6.80
C LEU B 80 26.37 -15.22 -6.80
N VAL B 81 26.95 -15.28 -5.62
CA VAL B 81 28.32 -15.69 -5.50
C VAL B 81 28.48 -16.79 -4.49
N LYS B 82 29.44 -17.66 -4.76
CA LYS B 82 29.79 -18.79 -3.88
C LYS B 82 31.22 -18.60 -3.44
N GLN B 83 31.45 -18.60 -2.13
CA GLN B 83 32.81 -18.53 -1.59
C GLN B 83 32.87 -19.30 -0.28
N PHE B 84 34.10 -19.66 0.09
CA PHE B 84 34.37 -20.29 1.38
C PHE B 84 34.30 -19.17 2.40
N ARG B 85 33.60 -19.46 3.49
CA ARG B 85 33.47 -18.45 4.56
C ARG B 85 34.01 -19.01 5.85
N PRO B 86 35.15 -18.50 6.29
CA PRO B 86 35.80 -19.15 7.46
C PRO B 86 34.97 -19.21 8.75
N PRO B 87 34.14 -18.20 9.03
CA PRO B 87 33.29 -18.33 10.21
C PRO B 87 32.30 -19.44 10.10
N MET B 88 31.89 -19.75 8.87
CA MET B 88 30.94 -20.82 8.66
C MET B 88 31.63 -22.20 8.54
N GLY B 89 32.93 -22.24 8.26
CA GLY B 89 33.62 -23.52 7.99
C GLY B 89 33.22 -24.18 6.70
N GLY B 90 32.64 -23.41 5.76
CA GLY B 90 32.16 -24.01 4.53
C GLY B 90 31.82 -22.97 3.48
N TYR B 91 31.26 -23.44 2.38
CA TYR B 91 30.90 -22.57 1.25
C TYR B 91 29.49 -22.04 1.41
N CYS B 92 29.30 -20.76 1.07
CA CYS B 92 28.00 -20.03 1.16
C CYS B 92 27.67 -19.43 -0.18
N ILE B 93 26.40 -19.31 -0.46
CA ILE B 93 25.86 -18.65 -1.67
C ILE B 93 25.23 -17.35 -1.15
N GLU B 94 25.59 -16.21 -1.73
CA GLU B 94 25.26 -14.84 -1.21
C GLU B 94 25.06 -13.87 -2.37
N PHE B 95 24.45 -12.70 -2.08
CA PHE B 95 24.50 -11.61 -2.99
C PHE B 95 25.93 -11.09 -3.00
N PRO B 96 26.39 -10.60 -4.14
CA PRO B 96 27.73 -9.95 -4.11
C PRO B 96 27.73 -8.83 -3.12
N ALA B 97 28.83 -8.71 -2.40
CA ALA B 97 28.88 -7.84 -1.28
C ALA B 97 30.27 -7.60 -0.79
N GLY B 98 30.41 -6.42 -0.20
CA GLY B 98 31.63 -6.08 0.51
C GLY B 98 31.51 -4.81 1.32
N LEU B 99 32.57 -4.51 2.06
CA LEU B 99 32.55 -3.34 2.92
C LEU B 99 32.70 -2.09 2.09
N ILE B 100 32.13 -0.99 2.58
CA ILE B 100 32.22 0.30 1.94
C ILE B 100 33.55 0.93 2.33
N ASP B 101 34.30 1.38 1.32
CA ASP B 101 35.59 2.10 1.52
C ASP B 101 35.37 3.48 2.13
N ASP B 102 36.32 3.95 2.94
CA ASP B 102 36.22 5.29 3.58
C ASP B 102 35.99 6.36 2.49
N GLY B 103 34.95 7.17 2.64
CA GLY B 103 34.58 8.17 1.64
C GLY B 103 34.03 7.62 0.33
N GLU B 104 33.63 6.36 0.26
CA GLU B 104 32.97 5.79 -0.93
C GLU B 104 31.47 5.88 -0.69
N THR B 105 30.69 6.10 -1.73
CA THR B 105 29.26 6.18 -1.56
C THR B 105 28.71 4.72 -1.68
N PRO B 106 27.54 4.45 -1.10
CA PRO B 106 27.03 3.05 -1.22
C PRO B 106 26.80 2.56 -2.64
N GLU B 107 26.25 3.44 -3.46
CA GLU B 107 26.11 3.19 -4.89
C GLU B 107 27.43 2.84 -5.55
N ALA B 108 28.47 3.58 -5.22
CA ALA B 108 29.79 3.33 -5.81
C ALA B 108 30.40 2.05 -5.32
N ALA B 109 30.24 1.75 -4.01
CA ALA B 109 30.69 0.49 -3.45
C ALA B 109 29.99 -0.71 -4.09
N ALA B 110 28.72 -0.51 -4.42
CA ALA B 110 27.89 -1.57 -5.05
C ALA B 110 28.34 -1.92 -6.43
N LEU B 111 28.54 -0.90 -7.27
CA LEU B 111 29.07 -1.17 -8.60
C LEU B 111 30.48 -1.73 -8.61
N ARG B 112 31.32 -1.25 -7.69
CA ARG B 112 32.66 -1.74 -7.56
C ARG B 112 32.62 -3.19 -7.11
N GLU B 113 31.87 -3.49 -6.04
CA GLU B 113 31.88 -4.86 -5.55
C GLU B 113 31.32 -5.81 -6.56
N LEU B 114 30.28 -5.38 -7.25
CA LEU B 114 29.69 -6.25 -8.26
C LEU B 114 30.71 -6.57 -9.34
N GLU B 115 31.44 -5.58 -9.80
CA GLU B 115 32.47 -5.83 -10.83
C GLU B 115 33.63 -6.71 -10.35
N GLU B 116 34.12 -6.47 -9.14
CA GLU B 116 35.21 -7.31 -8.59
C GLU B 116 34.82 -8.78 -8.37
N GLU B 117 33.59 -8.98 -7.87
CA GLU B 117 33.13 -10.33 -7.55
C GLU B 117 32.52 -11.12 -8.71
N THR B 118 32.00 -10.41 -9.72
CA THR B 118 31.30 -11.10 -10.85
C THR B 118 31.89 -10.80 -12.22
N GLY B 119 32.58 -9.67 -12.34
CA GLY B 119 32.93 -9.12 -13.64
C GLY B 119 31.85 -8.31 -14.31
N TYR B 120 30.60 -8.34 -13.83
CA TYR B 120 29.54 -7.56 -14.48
C TYR B 120 29.57 -6.08 -14.14
N LYS B 121 29.25 -5.27 -15.16
CA LYS B 121 29.05 -3.83 -15.06
C LYS B 121 27.58 -3.49 -15.10
N GLY B 122 27.10 -2.88 -14.05
CA GLY B 122 25.67 -2.71 -13.84
C GLY B 122 25.23 -1.27 -13.69
N ASP B 123 23.92 -1.07 -13.68
CA ASP B 123 23.32 0.22 -13.43
C ASP B 123 22.48 0.19 -12.17
N ILE B 124 22.59 1.24 -11.37
CA ILE B 124 21.82 1.39 -10.14
C ILE B 124 20.34 1.58 -10.40
N ALA B 125 19.50 0.78 -9.72
CA ALA B 125 18.06 0.96 -9.77
C ALA B 125 17.49 1.62 -8.55
N GLU B 126 17.90 1.12 -7.40
CA GLU B 126 17.44 1.70 -6.14
C GLU B 126 18.45 1.31 -5.05
N CYS B 127 18.38 2.00 -3.92
CA CYS B 127 19.33 1.80 -2.83
C CYS B 127 18.55 1.91 -1.51
N SER B 128 18.67 0.90 -0.66
CA SER B 128 17.98 0.96 0.61
C SER B 128 18.61 1.95 1.60
N PRO B 129 17.88 2.29 2.65
CA PRO B 129 18.52 2.82 3.86
C PRO B 129 19.39 1.80 4.53
N ALA B 130 20.19 2.24 5.49
CA ALA B 130 20.99 1.27 6.23
C ALA B 130 20.04 0.27 6.90
N VAL B 131 20.32 -1.01 6.68
CA VAL B 131 19.48 -2.10 7.27
C VAL B 131 20.35 -3.02 8.12
N CYS B 132 19.81 -3.57 9.20
CA CYS B 132 20.67 -4.39 10.06
C CYS B 132 20.80 -5.87 9.73
N MET B 133 21.98 -6.39 10.01
CA MET B 133 22.31 -7.73 9.65
C MET B 133 21.88 -8.78 10.67
N ASP B 134 22.08 -8.54 11.95
CA ASP B 134 21.73 -9.53 12.97
C ASP B 134 21.64 -8.70 14.27
N PRO B 135 20.54 -7.98 14.48
CA PRO B 135 20.60 -6.87 15.45
C PRO B 135 20.59 -7.31 16.92
N GLY B 136 20.20 -8.59 17.20
CA GLY B 136 20.37 -9.16 18.47
C GLY B 136 21.78 -9.56 18.86
N LEU B 137 22.69 -9.43 17.92
CA LEU B 137 24.08 -9.81 18.15
C LEU B 137 25.04 -8.69 17.82
N SER B 138 24.85 -7.98 16.70
CA SER B 138 25.80 -6.99 16.24
C SER B 138 25.14 -5.69 15.82
N ASN B 139 25.95 -4.65 15.66
CA ASN B 139 25.50 -3.42 15.07
C ASN B 139 25.70 -3.36 13.56
N CYS B 140 26.01 -4.51 12.90
CA CYS B 140 26.40 -4.49 11.51
C CYS B 140 25.22 -4.10 10.63
N THR B 141 25.50 -3.18 9.70
CA THR B 141 24.49 -2.74 8.75
C THR B 141 25.06 -2.71 7.35
N ILE B 142 24.11 -2.76 6.39
CA ILE B 142 24.40 -2.66 4.99
C ILE B 142 23.36 -1.81 4.31
N HIS B 143 23.74 -1.32 3.12
CA HIS B 143 22.74 -0.88 2.14
C HIS B 143 22.55 -2.01 1.13
N ILE B 144 21.29 -2.32 0.86
CA ILE B 144 20.95 -3.24 -0.22
C ILE B 144 20.75 -2.40 -1.46
N VAL B 145 21.53 -2.67 -2.49
CA VAL B 145 21.52 -1.92 -3.73
C VAL B 145 21.04 -2.81 -4.84
N THR B 146 19.87 -2.47 -5.41
CA THR B 146 19.33 -3.20 -6.59
C THR B 146 20.00 -2.62 -7.84
N VAL B 147 20.56 -3.51 -8.64
CA VAL B 147 21.34 -3.15 -9.84
C VAL B 147 20.82 -3.97 -10.97
N THR B 148 20.61 -3.35 -12.14
CA THR B 148 20.35 -4.16 -13.34
C THR B 148 21.62 -4.28 -14.17
N ILE B 149 21.80 -5.44 -14.83
CA ILE B 149 22.93 -5.73 -15.69
C ILE B 149 22.43 -5.99 -17.11
N ASN B 150 22.87 -5.17 -18.07
CA ASN B 150 22.40 -5.38 -19.45
C ASN B 150 23.34 -6.39 -20.01
N GLY B 151 22.89 -7.64 -19.99
CA GLY B 151 23.75 -8.74 -20.40
C GLY B 151 23.95 -8.81 -21.90
N ASP B 152 23.26 -7.95 -22.63
CA ASP B 152 23.36 -7.92 -24.08
C ASP B 152 24.43 -6.93 -24.51
N ASP B 153 24.94 -6.12 -23.59
CA ASP B 153 26.02 -5.17 -23.92
C ASP B 153 27.32 -5.90 -23.96
N ALA B 154 28.21 -5.43 -24.85
CA ALA B 154 29.51 -6.01 -25.01
C ALA B 154 30.36 -6.04 -23.72
N GLU B 155 30.27 -5.02 -22.89
CA GLU B 155 31.10 -4.99 -21.66
C GLU B 155 30.73 -6.16 -20.69
N ASN B 156 29.55 -6.76 -20.86
CA ASN B 156 29.06 -7.89 -20.02
C ASN B 156 29.05 -9.20 -20.79
N ALA B 157 29.78 -9.26 -21.92
CA ALA B 157 29.84 -10.47 -22.72
C ALA B 157 30.66 -11.58 -22.04
N ARG B 158 31.93 -11.29 -21.74
CA ARG B 158 32.83 -12.26 -21.11
C ARG B 158 33.31 -11.60 -19.81
N PRO B 159 32.42 -11.55 -18.78
CA PRO B 159 32.68 -10.66 -17.64
C PRO B 159 33.92 -11.09 -16.85
N LYS B 160 34.84 -10.15 -16.63
CA LYS B 160 36.12 -10.41 -15.95
C LYS B 160 36.07 -10.17 -14.40
N PRO B 161 35.95 -11.25 -13.58
CA PRO B 161 35.96 -11.04 -12.11
C PRO B 161 37.33 -10.59 -11.64
N LYS B 162 37.43 -9.42 -11.01
CA LYS B 162 38.70 -8.83 -10.56
C LYS B 162 38.87 -8.99 -9.04
N PRO B 163 39.16 -10.23 -8.57
CA PRO B 163 39.28 -10.43 -7.12
C PRO B 163 40.35 -9.55 -6.49
N GLY B 164 40.02 -8.92 -5.36
CA GLY B 164 41.07 -8.38 -4.49
C GLY B 164 41.96 -9.52 -3.98
N ASP B 165 43.03 -9.17 -3.28
CA ASP B 165 43.93 -10.18 -2.74
C ASP B 165 43.25 -10.99 -1.63
N GLY B 166 43.33 -12.32 -1.73
CA GLY B 166 42.69 -13.21 -0.76
C GLY B 166 41.20 -13.49 -0.95
N GLU B 167 40.62 -13.11 -2.10
CA GLU B 167 39.23 -13.39 -2.43
C GLU B 167 39.20 -14.42 -3.56
N PHE B 168 38.28 -15.38 -3.46
CA PHE B 168 38.16 -16.50 -4.40
C PHE B 168 36.68 -16.90 -4.57
N VAL B 169 36.07 -16.34 -5.61
CA VAL B 169 34.62 -16.20 -5.75
C VAL B 169 34.14 -16.87 -7.04
N GLU B 170 33.21 -17.81 -6.95
CA GLU B 170 32.57 -18.39 -8.13
C GLU B 170 31.21 -17.71 -8.32
N VAL B 171 30.76 -17.60 -9.56
CA VAL B 171 29.55 -16.82 -9.88
C VAL B 171 28.48 -17.83 -10.21
N ILE B 172 27.27 -17.65 -9.69
CA ILE B 172 26.18 -18.58 -9.97
C ILE B 172 24.99 -17.68 -10.27
N SER B 173 24.52 -17.76 -11.51
CA SER B 173 23.32 -17.07 -11.94
C SER B 173 22.12 -17.98 -11.97
N LEU B 174 21.03 -17.58 -11.32
CA LEU B 174 19.87 -18.40 -11.22
C LEU B 174 18.68 -17.63 -11.71
N PRO B 175 17.77 -18.32 -12.41
CA PRO B 175 16.58 -17.61 -12.86
C PRO B 175 15.72 -17.03 -11.75
N LYS B 176 15.38 -15.74 -11.85
CA LYS B 176 14.58 -15.07 -10.88
C LYS B 176 13.24 -15.80 -10.64
N ASN B 177 12.56 -16.23 -11.72
CA ASN B 177 11.24 -16.81 -11.58
C ASN B 177 11.23 -18.25 -10.96
N ASP B 178 12.38 -18.90 -10.77
CA ASP B 178 12.38 -20.17 -10.06
C ASP B 178 13.37 -20.16 -8.89
N LEU B 179 13.66 -18.98 -8.33
CA LEU B 179 14.87 -18.86 -7.51
C LEU B 179 14.85 -19.76 -6.32
N LEU B 180 13.74 -19.79 -5.59
CA LEU B 180 13.68 -20.56 -4.35
C LEU B 180 13.93 -22.07 -4.59
N GLN B 181 13.30 -22.59 -5.64
CA GLN B 181 13.46 -24.03 -5.98
C GLN B 181 14.90 -24.29 -6.39
N ARG B 182 15.50 -23.37 -7.13
CA ARG B 182 16.91 -23.53 -7.50
C ARG B 182 17.87 -23.51 -6.31
N LEU B 183 17.62 -22.61 -5.35
CA LEU B 183 18.40 -22.56 -4.15
C LEU B 183 18.28 -23.82 -3.28
N ASP B 184 17.05 -24.24 -3.06
CA ASP B 184 16.75 -25.48 -2.26
C ASP B 184 17.50 -26.69 -2.84
N ALA B 185 17.55 -26.74 -4.16
CA ALA B 185 18.36 -27.76 -4.89
C ALA B 185 19.85 -27.71 -4.64
N LEU B 186 20.43 -26.51 -4.62
CA LEU B 186 21.85 -26.38 -4.36
C LEU B 186 22.20 -26.82 -2.95
N VAL B 187 21.31 -26.54 -1.99
CA VAL B 187 21.53 -26.95 -0.63
C VAL B 187 21.55 -28.47 -0.49
N ALA B 188 20.53 -29.13 -1.04
CA ALA B 188 20.34 -30.59 -0.92
C ALA B 188 21.39 -31.31 -1.71
N GLU B 189 21.73 -30.78 -2.87
CA GLU B 189 22.62 -31.44 -3.76
C GLU B 189 24.06 -31.10 -3.47
N GLU B 190 24.37 -29.84 -3.15
CA GLU B 190 25.78 -29.41 -3.00
C GLU B 190 26.24 -29.15 -1.52
N HIS B 191 25.35 -29.32 -0.53
CA HIS B 191 25.64 -28.98 0.88
C HIS B 191 26.34 -27.60 1.01
N LEU B 192 25.78 -26.60 0.30
CA LEU B 192 26.14 -25.18 0.49
C LEU B 192 25.19 -24.56 1.52
N THR B 193 25.57 -23.41 2.11
CA THR B 193 24.66 -22.67 2.97
C THR B 193 24.22 -21.41 2.17
N VAL B 194 22.91 -21.23 2.00
CA VAL B 194 22.37 -20.03 1.40
C VAL B 194 22.26 -18.94 2.46
N ASP B 195 22.61 -17.71 2.06
CA ASP B 195 22.49 -16.51 2.86
C ASP B 195 21.05 -16.13 3.15
N ALA B 196 20.77 -15.67 4.38
CA ALA B 196 19.34 -15.44 4.77
C ALA B 196 18.65 -14.35 3.97
N ARG B 197 19.45 -13.35 3.53
CA ARG B 197 18.90 -12.31 2.71
C ARG B 197 18.50 -12.86 1.31
N VAL B 198 19.38 -13.62 0.71
CA VAL B 198 19.09 -14.33 -0.56
C VAL B 198 17.80 -15.18 -0.40
N TYR B 199 17.76 -15.97 0.66
CA TYR B 199 16.60 -16.86 0.92
C TYR B 199 15.30 -16.05 1.11
N SER B 200 15.35 -14.94 1.84
CA SER B 200 14.23 -14.11 2.05
C SER B 200 13.69 -13.51 0.79
N TYR B 201 14.61 -13.01 -0.05
CA TYR B 201 14.29 -12.50 -1.39
C TYR B 201 13.53 -13.59 -2.20
N ALA B 202 14.11 -14.80 -2.23
CA ALA B 202 13.56 -15.91 -2.99
C ALA B 202 12.17 -16.29 -2.52
N LEU B 203 11.95 -16.29 -1.20
CA LEU B 203 10.67 -16.58 -0.65
C LEU B 203 9.63 -15.58 -1.06
N ALA B 204 9.95 -14.30 -0.93
CA ALA B 204 8.99 -13.29 -1.40
C ALA B 204 8.67 -13.37 -2.87
N LEU B 205 9.61 -13.76 -3.69
CA LEU B 205 9.29 -13.88 -5.15
C LEU B 205 8.17 -14.92 -5.32
N LYS B 206 8.23 -15.98 -4.53
CA LYS B 206 7.12 -17.00 -4.51
C LYS B 206 5.85 -16.51 -3.84
N HIS B 207 5.95 -15.87 -2.69
CA HIS B 207 4.82 -15.37 -1.93
C HIS B 207 4.06 -14.17 -2.56
N ALA B 208 4.70 -13.45 -3.47
CA ALA B 208 4.02 -12.33 -4.17
C ALA B 208 2.72 -12.78 -4.87
N ASN B 209 1.74 -11.87 -4.80
CA ASN B 209 0.28 -12.02 -5.19
C ASN B 209 -0.60 -12.72 -4.15
N GLN C 16 -20.87 -11.88 1.53
CA GLN C 16 -21.67 -11.80 0.24
C GLN C 16 -20.73 -11.88 -0.96
N TYR C 17 -21.17 -12.39 -2.10
CA TYR C 17 -20.28 -12.48 -3.27
C TYR C 17 -21.03 -12.65 -4.58
N ILE C 18 -20.34 -12.39 -5.69
CA ILE C 18 -20.92 -12.46 -7.02
C ILE C 18 -20.98 -13.92 -7.41
N ILE C 19 -22.16 -14.38 -7.83
CA ILE C 19 -22.36 -15.76 -8.37
C ILE C 19 -22.19 -15.76 -9.90
N SER C 20 -22.81 -14.83 -10.62
CA SER C 20 -22.66 -14.75 -12.08
C SER C 20 -23.11 -13.40 -12.62
N GLU C 21 -22.63 -13.08 -13.83
CA GLU C 21 -22.86 -11.80 -14.52
C GLU C 21 -23.29 -12.13 -15.95
N GLU C 22 -24.58 -11.90 -16.22
CA GLU C 22 -25.23 -12.27 -17.45
C GLU C 22 -25.54 -10.98 -18.22
N LEU C 23 -25.05 -10.93 -19.45
CA LEU C 23 -25.16 -9.75 -20.28
C LEU C 23 -26.59 -9.56 -20.80
N ILE C 24 -27.20 -8.42 -20.49
CA ILE C 24 -28.55 -8.09 -20.98
C ILE C 24 -28.43 -7.40 -22.34
N SER C 25 -27.76 -6.25 -22.37
CA SER C 25 -27.62 -5.47 -23.59
C SER C 25 -26.28 -4.75 -23.59
N GLU C 26 -25.66 -4.66 -24.76
CA GLU C 26 -24.32 -4.12 -24.90
C GLU C 26 -24.26 -3.12 -26.03
N GLY C 27 -23.98 -1.86 -25.71
CA GLY C 27 -23.76 -0.82 -26.70
C GLY C 27 -22.29 -0.68 -27.00
N LYS C 28 -21.94 0.37 -27.72
CA LYS C 28 -20.53 0.71 -27.98
C LYS C 28 -19.79 1.26 -26.74
N TRP C 29 -20.52 1.99 -25.89
CA TRP C 29 -19.93 2.64 -24.69
C TRP C 29 -20.32 2.09 -23.33
N VAL C 30 -21.48 1.47 -23.21
CA VAL C 30 -22.02 1.05 -21.91
C VAL C 30 -22.76 -0.25 -22.11
N LYS C 31 -22.88 -1.06 -21.05
CA LYS C 31 -23.70 -2.26 -21.11
C LYS C 31 -24.46 -2.48 -19.82
N LEU C 32 -25.53 -3.28 -19.93
CA LEU C 32 -26.41 -3.56 -18.82
C LEU C 32 -26.21 -5.05 -18.54
N GLU C 33 -26.24 -5.45 -17.26
CA GLU C 33 -26.15 -6.87 -16.87
C GLU C 33 -27.08 -7.30 -15.79
N LYS C 34 -27.35 -8.62 -15.76
CA LYS C 34 -28.08 -9.25 -14.66
C LYS C 34 -27.02 -9.84 -13.77
N THR C 35 -26.99 -9.39 -12.52
CA THR C 35 -26.01 -9.85 -11.53
C THR C 35 -26.74 -10.78 -10.59
N THR C 36 -26.14 -11.93 -10.31
CA THR C 36 -26.68 -12.86 -9.30
C THR C 36 -25.65 -12.99 -8.21
N TYR C 37 -26.11 -12.84 -6.96
CA TYR C 37 -25.25 -12.71 -5.80
C TYR C 37 -25.85 -13.42 -4.59
N MET C 38 -24.98 -13.83 -3.66
CA MET C 38 -25.44 -14.44 -2.39
C MET C 38 -25.50 -13.39 -1.33
N ASP C 39 -26.64 -13.30 -0.67
CA ASP C 39 -26.79 -12.37 0.43
C ASP C 39 -26.23 -12.92 1.72
N PRO C 40 -26.24 -12.08 2.77
CA PRO C 40 -25.52 -12.50 4.00
C PRO C 40 -26.16 -13.73 4.73
N THR C 41 -27.45 -13.99 4.54
CA THR C 41 -28.10 -15.19 5.11
C THR C 41 -27.90 -16.48 4.30
N GLY C 42 -27.34 -16.41 3.08
CA GLY C 42 -27.30 -17.56 2.15
C GLY C 42 -28.32 -17.62 1.01
N LYS C 43 -29.31 -16.71 1.03
CA LYS C 43 -30.29 -16.59 -0.03
C LYS C 43 -29.70 -15.92 -1.29
N THR C 44 -29.99 -16.52 -2.44
CA THR C 44 -29.52 -16.05 -3.73
C THR C 44 -30.45 -14.91 -4.20
N ARG C 45 -29.88 -13.80 -4.69
CA ARG C 45 -30.69 -12.65 -5.17
C ARG C 45 -30.12 -12.10 -6.45
N THR C 46 -30.81 -11.15 -7.05
CA THR C 46 -30.37 -10.60 -8.29
C THR C 46 -30.36 -9.02 -8.29
N TRP C 47 -29.67 -8.43 -9.26
CA TRP C 47 -29.54 -6.95 -9.37
C TRP C 47 -29.34 -6.60 -10.82
N GLU C 48 -29.73 -5.40 -11.21
CA GLU C 48 -29.47 -4.88 -12.54
C GLU C 48 -28.27 -3.92 -12.48
N SER C 49 -27.19 -4.31 -13.14
CA SER C 49 -25.87 -3.60 -13.04
C SER C 49 -25.43 -2.97 -14.32
N VAL C 50 -24.86 -1.76 -14.23
CA VAL C 50 -24.38 -1.08 -15.39
C VAL C 50 -22.86 -1.02 -15.34
N LYS C 51 -22.23 -1.25 -16.50
CA LYS C 51 -20.77 -1.21 -16.63
C LYS C 51 -20.39 -0.55 -17.95
N ARG C 52 -19.29 0.19 -17.97
CA ARG C 52 -18.80 0.81 -19.23
C ARG C 52 -18.12 -0.28 -20.01
N THR C 53 -17.98 -0.08 -21.32
CA THR C 53 -17.22 -1.04 -22.18
C THR C 53 -15.77 -0.68 -22.50
N THR C 54 -15.34 0.47 -22.01
CA THR C 54 -14.07 1.09 -22.31
C THR C 54 -12.93 0.75 -21.31
N ARG C 55 -13.22 0.00 -20.24
CA ARG C 55 -12.33 -0.15 -19.09
C ARG C 55 -11.32 -1.29 -19.25
N LYS C 56 -10.03 -0.97 -19.11
CA LYS C 56 -8.95 -1.97 -19.06
C LYS C 56 -8.90 -2.59 -17.66
N GLN C 58 -6.21 -0.97 -16.03
CA GLN C 58 -6.80 0.35 -15.82
C GLN C 58 -7.34 0.36 -14.41
N THR C 59 -6.86 1.33 -13.63
CA THR C 59 -7.12 1.49 -12.17
C THR C 59 -8.58 1.81 -11.86
N ALA C 60 -9.18 2.41 -12.86
CA ALA C 60 -10.46 3.02 -12.80
C ALA C 60 -10.86 3.41 -14.21
N ASP C 61 -12.13 3.73 -14.37
CA ASP C 61 -12.58 4.17 -15.64
C ASP C 61 -11.99 5.53 -15.96
N GLY C 62 -12.01 6.44 -14.97
CA GLY C 62 -11.67 7.85 -15.36
C GLY C 62 -11.01 8.57 -14.26
N VAL C 63 -10.79 9.86 -14.49
CA VAL C 63 -10.29 10.75 -13.48
C VAL C 63 -11.20 11.97 -13.41
N ALA C 64 -11.29 12.54 -12.21
CA ALA C 64 -11.88 13.88 -12.05
C ALA C 64 -10.82 14.73 -11.37
N VAL C 65 -10.69 15.98 -11.78
CA VAL C 65 -9.62 16.82 -11.36
C VAL C 65 -10.24 17.91 -10.47
N ILE C 66 -9.72 18.04 -9.26
CA ILE C 66 -10.01 19.19 -8.40
C ILE C 66 -8.94 20.25 -8.63
N PRO C 67 -9.22 21.24 -9.52
CA PRO C 67 -8.14 22.17 -9.96
C PRO C 67 -8.20 23.43 -9.14
N VAL C 68 -7.17 23.59 -8.31
CA VAL C 68 -7.16 24.68 -7.35
C VAL C 68 -6.26 25.77 -7.93
N LEU C 69 -6.92 26.84 -8.39
CA LEU C 69 -6.25 28.02 -8.99
C LEU C 69 -5.67 28.90 -7.88
N GLN C 70 -4.35 29.00 -7.83
CA GLN C 70 -3.60 29.69 -6.78
C GLN C 70 -2.94 30.94 -7.36
N ARG C 71 -3.15 32.04 -6.67
CA ARG C 71 -2.58 33.35 -7.15
C ARG C 71 -2.14 34.17 -5.98
N THR C 72 -1.05 34.91 -6.16
CA THR C 72 -0.45 35.68 -5.04
C THR C 72 -1.46 36.59 -4.39
N LEU C 73 -2.26 37.24 -5.19
CA LEU C 73 -3.11 38.31 -4.68
C LEU C 73 -4.48 37.92 -4.20
N HIS C 74 -4.89 36.67 -4.45
CA HIS C 74 -6.29 36.30 -4.31
C HIS C 74 -6.48 35.05 -3.49
N TYR C 75 -7.70 34.91 -3.03
CA TYR C 75 -8.14 33.63 -2.44
C TYR C 75 -8.14 32.60 -3.56
N GLU C 76 -7.99 31.33 -3.21
CA GLU C 76 -8.05 30.22 -4.18
C GLU C 76 -9.40 30.15 -4.85
N CYS C 77 -9.38 29.71 -6.12
CA CYS C 77 -10.58 29.36 -6.86
C CYS C 77 -10.54 27.89 -7.20
N ILE C 78 -11.73 27.33 -7.34
CA ILE C 78 -11.90 25.99 -7.89
C ILE C 78 -12.33 26.13 -9.34
N VAL C 79 -11.66 25.44 -10.26
CA VAL C 79 -11.96 25.60 -11.71
C VAL C 79 -12.92 24.48 -12.11
N LEU C 80 -14.06 24.83 -12.66
CA LEU C 80 -15.11 23.86 -13.01
C LEU C 80 -15.42 24.09 -14.50
N VAL C 81 -16.09 23.10 -15.05
CA VAL C 81 -16.53 23.16 -16.47
C VAL C 81 -18.02 23.01 -16.53
N LYS C 82 -18.61 23.69 -17.53
CA LYS C 82 -20.01 23.53 -17.87
C LYS C 82 -20.06 22.99 -19.27
N GLN C 83 -20.85 21.93 -19.39
CA GLN C 83 -21.06 21.21 -20.66
C GLN C 83 -22.44 20.67 -20.79
N PHE C 84 -22.92 20.55 -22.04
CA PHE C 84 -24.14 19.88 -22.27
C PHE C 84 -23.91 18.38 -22.13
N ARG C 85 -24.77 17.70 -21.40
CA ARG C 85 -24.69 16.26 -21.10
C ARG C 85 -25.90 15.57 -21.64
N PRO C 86 -25.72 14.79 -22.74
CA PRO C 86 -26.92 14.20 -23.34
C PRO C 86 -27.77 13.33 -22.45
N PRO C 87 -27.17 12.54 -21.54
CA PRO C 87 -28.04 11.77 -20.70
C PRO C 87 -28.95 12.59 -19.74
N MET C 88 -28.48 13.77 -19.35
CA MET C 88 -29.23 14.68 -18.52
C MET C 88 -30.17 15.58 -19.33
N GLY C 89 -29.96 15.66 -20.62
CA GLY C 89 -30.75 16.57 -21.45
C GLY C 89 -30.51 18.04 -21.19
N GLY C 90 -29.34 18.40 -20.68
CA GLY C 90 -29.13 19.77 -20.21
C GLY C 90 -27.70 19.98 -19.75
N TYR C 91 -27.42 21.19 -19.26
CA TYR C 91 -26.08 21.58 -18.91
C TYR C 91 -25.76 21.17 -17.49
N CYS C 92 -24.50 20.80 -17.28
CA CYS C 92 -24.02 20.38 -15.96
C CYS C 92 -22.75 21.11 -15.61
N ILE C 93 -22.56 21.35 -14.31
CA ILE C 93 -21.38 21.99 -13.77
C ILE C 93 -20.59 20.88 -13.03
N GLU C 94 -19.36 20.65 -13.46
CA GLU C 94 -18.57 19.45 -13.01
C GLU C 94 -17.14 19.79 -12.84
N PHE C 95 -16.40 18.99 -12.08
CA PHE C 95 -14.97 19.00 -12.20
C PHE C 95 -14.52 18.58 -13.63
N PRO C 96 -13.40 19.17 -14.13
CA PRO C 96 -12.78 18.65 -15.40
C PRO C 96 -12.54 17.12 -15.21
N ALA C 97 -12.87 16.34 -16.23
CA ALA C 97 -12.89 14.93 -16.08
C ALA C 97 -12.85 14.23 -17.42
N GLY C 98 -12.36 12.98 -17.42
CA GLY C 98 -12.38 12.20 -18.64
C GLY C 98 -11.89 10.80 -18.35
N LEU C 99 -12.06 9.92 -19.33
CA LEU C 99 -11.55 8.54 -19.20
C LEU C 99 -10.02 8.47 -19.30
N ILE C 100 -9.45 7.53 -18.56
CA ILE C 100 -8.00 7.27 -18.59
C ILE C 100 -7.70 6.46 -19.88
N ASP C 101 -6.84 7.00 -20.75
CA ASP C 101 -6.39 6.28 -21.98
C ASP C 101 -5.58 5.05 -21.60
N ASP C 102 -5.55 4.05 -22.49
CA ASP C 102 -4.78 2.82 -22.21
C ASP C 102 -3.29 3.14 -22.10
N GLY C 103 -2.65 2.66 -21.06
CA GLY C 103 -1.24 2.99 -20.83
C GLY C 103 -1.04 4.14 -19.87
N GLU C 104 -2.00 5.09 -19.85
CA GLU C 104 -1.89 6.38 -19.15
C GLU C 104 -2.02 6.23 -17.68
N THR C 105 -1.18 6.90 -16.90
CA THR C 105 -1.38 6.97 -15.47
C THR C 105 -2.60 7.91 -15.10
N PRO C 106 -3.24 7.69 -13.93
CA PRO C 106 -4.30 8.66 -13.55
C PRO C 106 -3.79 10.08 -13.48
N GLU C 107 -2.55 10.23 -12.97
CA GLU C 107 -1.96 11.55 -12.84
C GLU C 107 -1.80 12.24 -14.23
N ALA C 108 -1.34 11.49 -15.22
CA ALA C 108 -1.08 12.06 -16.55
C ALA C 108 -2.45 12.33 -17.19
N ALA C 109 -3.38 11.42 -17.02
CA ALA C 109 -4.76 11.68 -17.44
C ALA C 109 -5.35 12.98 -16.88
N ALA C 110 -5.08 13.24 -15.61
CA ALA C 110 -5.61 14.42 -14.95
C ALA C 110 -5.03 15.69 -15.55
N LEU C 111 -3.73 15.75 -15.72
CA LEU C 111 -3.11 16.95 -16.30
C LEU C 111 -3.55 17.15 -17.75
N ARG C 112 -3.69 16.04 -18.46
CA ARG C 112 -4.15 16.13 -19.86
C ARG C 112 -5.58 16.64 -19.98
N GLU C 113 -6.51 16.01 -19.28
CA GLU C 113 -7.91 16.42 -19.29
C GLU C 113 -8.02 17.86 -18.77
N LEU C 114 -7.28 18.20 -17.73
CA LEU C 114 -7.34 19.59 -17.23
C LEU C 114 -6.96 20.59 -18.33
N GLU C 115 -5.80 20.37 -18.92
CA GLU C 115 -5.34 21.23 -20.04
C GLU C 115 -6.29 21.31 -21.21
N GLU C 116 -6.81 20.15 -21.62
CA GLU C 116 -7.78 20.10 -22.70
C GLU C 116 -9.08 20.87 -22.43
N GLU C 117 -9.63 20.71 -21.22
CA GLU C 117 -10.97 21.20 -20.91
C GLU C 117 -10.94 22.63 -20.40
N THR C 118 -9.80 23.08 -19.92
CA THR C 118 -9.75 24.44 -19.35
C THR C 118 -8.64 25.33 -19.89
N GLY C 119 -7.60 24.75 -20.54
CA GLY C 119 -6.33 25.42 -20.85
C GLY C 119 -5.29 25.61 -19.79
N TYR C 120 -5.61 25.31 -18.52
CA TYR C 120 -4.66 25.43 -17.49
C TYR C 120 -3.59 24.37 -17.44
N LYS C 121 -2.36 24.79 -17.19
CA LYS C 121 -1.29 23.86 -16.94
C LYS C 121 -1.05 23.74 -15.43
N GLY C 122 -1.24 22.55 -14.89
CA GLY C 122 -1.27 22.32 -13.44
C GLY C 122 -0.18 21.36 -12.98
N ASP C 123 -0.08 21.18 -11.67
CA ASP C 123 0.91 20.32 -11.02
C ASP C 123 0.11 19.37 -10.10
N ILE C 124 0.42 18.06 -10.13
CA ILE C 124 -0.27 17.12 -9.30
C ILE C 124 0.00 17.44 -7.83
N ALA C 125 -1.05 17.54 -7.02
CA ALA C 125 -0.93 17.60 -5.57
C ALA C 125 -1.18 16.26 -4.88
N GLU C 126 -2.19 15.57 -5.31
CA GLU C 126 -2.59 14.32 -4.61
C GLU C 126 -3.49 13.52 -5.53
N CYS C 127 -3.55 12.21 -5.32
CA CYS C 127 -4.43 11.36 -6.10
C CYS C 127 -5.10 10.30 -5.24
N SER C 128 -6.41 10.24 -5.29
CA SER C 128 -7.16 9.29 -4.46
C SER C 128 -6.98 7.91 -4.97
N PRO C 129 -7.37 6.93 -4.11
CA PRO C 129 -7.60 5.59 -4.68
C PRO C 129 -8.83 5.58 -5.58
N ALA C 130 -9.04 4.49 -6.32
CA ALA C 130 -10.27 4.36 -7.10
C ALA C 130 -11.49 4.39 -6.20
N VAL C 131 -12.46 5.27 -6.54
CA VAL C 131 -13.63 5.57 -5.70
C VAL C 131 -14.85 5.44 -6.63
N CYS C 132 -15.96 4.92 -6.07
CA CYS C 132 -17.10 4.51 -6.86
C CYS C 132 -18.00 5.75 -7.15
N MET C 133 -18.62 5.73 -8.30
CA MET C 133 -19.52 6.83 -8.74
C MET C 133 -20.96 6.73 -8.30
N ASP C 134 -21.50 5.52 -8.34
CA ASP C 134 -22.93 5.32 -8.11
C ASP C 134 -23.10 3.80 -7.91
N PRO C 135 -22.60 3.30 -6.76
CA PRO C 135 -22.37 1.88 -6.62
C PRO C 135 -23.63 1.00 -6.55
N GLY C 136 -24.77 1.60 -6.23
CA GLY C 136 -26.08 0.89 -6.24
C GLY C 136 -26.52 0.62 -7.68
N LEU C 137 -25.83 1.20 -8.64
CA LEU C 137 -26.19 1.05 -10.05
C LEU C 137 -25.12 0.64 -11.01
N SER C 138 -23.89 1.10 -10.84
CA SER C 138 -22.88 0.84 -11.83
C SER C 138 -21.58 0.52 -11.10
N ASN C 139 -20.65 -0.05 -11.83
CA ASN C 139 -19.30 -0.34 -11.26
C ASN C 139 -18.32 0.79 -11.47
N CYS C 140 -18.78 1.91 -12.00
CA CYS C 140 -17.90 2.96 -12.45
C CYS C 140 -17.10 3.58 -11.36
N THR C 141 -15.81 3.76 -11.64
CA THR C 141 -14.84 4.31 -10.66
C THR C 141 -14.01 5.42 -11.31
N ILE C 142 -13.55 6.31 -10.43
CA ILE C 142 -12.58 7.32 -10.85
C ILE C 142 -11.47 7.41 -9.84
N HIS C 143 -10.36 8.07 -10.23
CA HIS C 143 -9.52 8.68 -9.24
C HIS C 143 -9.85 10.18 -9.20
N ILE C 144 -9.90 10.70 -8.02
CA ILE C 144 -10.02 12.15 -7.76
C ILE C 144 -8.60 12.68 -7.59
N VAL C 145 -8.19 13.54 -8.53
CA VAL C 145 -6.83 14.03 -8.53
C VAL C 145 -6.87 15.54 -8.26
N THR C 146 -6.27 15.91 -7.16
CA THR C 146 -6.14 17.32 -6.78
C THR C 146 -4.95 17.90 -7.56
N VAL C 147 -5.18 19.00 -8.30
CA VAL C 147 -4.14 19.62 -9.12
C VAL C 147 -4.07 21.10 -8.76
N THR C 148 -2.87 21.61 -8.51
CA THR C 148 -2.67 23.07 -8.21
C THR C 148 -2.35 23.74 -9.52
N ILE C 149 -2.87 24.95 -9.74
CA ILE C 149 -2.52 25.70 -10.93
C ILE C 149 -1.91 27.00 -10.48
N ASN C 150 -0.68 27.33 -10.88
CA ASN C 150 -0.07 28.62 -10.57
C ASN C 150 -0.69 29.63 -11.56
N GLY C 151 -1.60 30.40 -11.05
CA GLY C 151 -2.31 31.39 -11.85
C GLY C 151 -1.53 32.63 -12.14
N ASP C 152 -0.36 32.79 -11.55
CA ASP C 152 0.50 33.95 -11.79
C ASP C 152 1.56 33.63 -12.79
N ASP C 153 1.71 32.35 -13.16
CA ASP C 153 2.72 31.99 -14.12
C ASP C 153 2.25 32.52 -15.46
N ALA C 154 3.19 33.16 -16.16
CA ALA C 154 2.92 33.69 -17.44
C ALA C 154 2.30 32.63 -18.35
N GLU C 155 2.80 31.41 -18.26
CA GLU C 155 2.21 30.36 -19.09
C GLU C 155 0.71 30.10 -18.86
N ASN C 156 0.17 30.46 -17.69
CA ASN C 156 -1.25 30.38 -17.44
C ASN C 156 -2.02 31.70 -17.62
N ALA C 157 -1.39 32.70 -18.24
CA ALA C 157 -2.04 34.00 -18.47
C ALA C 157 -3.36 33.99 -19.28
N ARG C 158 -3.41 33.27 -20.38
CA ARG C 158 -4.58 33.35 -21.26
C ARG C 158 -4.98 31.92 -21.58
N PRO C 159 -5.45 31.18 -20.56
CA PRO C 159 -5.77 29.78 -20.80
C PRO C 159 -6.86 29.56 -21.84
N LYS C 160 -6.64 28.60 -22.75
CA LYS C 160 -7.59 28.26 -23.84
C LYS C 160 -7.82 26.78 -23.90
N PRO C 161 -9.06 26.33 -23.61
CA PRO C 161 -9.38 24.93 -23.77
C PRO C 161 -8.97 24.50 -25.16
N LYS C 162 -8.45 23.30 -25.31
CA LYS C 162 -8.15 22.76 -26.66
C LYS C 162 -8.99 21.50 -26.68
N PRO C 163 -10.30 21.62 -26.90
CA PRO C 163 -11.15 20.48 -26.62
C PRO C 163 -11.20 19.51 -27.78
N GLY C 164 -11.58 18.27 -27.48
CA GLY C 164 -11.84 17.28 -28.52
C GLY C 164 -12.85 17.76 -29.55
N ASP C 165 -12.79 17.18 -30.75
CA ASP C 165 -13.82 17.38 -31.76
C ASP C 165 -15.13 16.83 -31.16
N GLY C 166 -16.21 17.60 -31.26
CA GLY C 166 -17.42 17.27 -30.49
C GLY C 166 -17.39 17.48 -28.96
N GLU C 167 -16.35 18.15 -28.43
CA GLU C 167 -16.27 18.51 -27.00
C GLU C 167 -16.49 20.03 -26.98
N PHE C 168 -17.47 20.49 -26.22
CA PHE C 168 -17.78 21.91 -26.13
C PHE C 168 -17.83 22.23 -24.65
N VAL C 169 -16.93 23.06 -24.16
CA VAL C 169 -16.76 23.27 -22.72
C VAL C 169 -16.57 24.71 -22.40
N GLU C 170 -17.25 25.21 -21.36
CA GLU C 170 -17.09 26.55 -20.84
C GLU C 170 -16.49 26.40 -19.45
N VAL C 171 -15.62 27.31 -19.11
CA VAL C 171 -14.85 27.22 -17.90
C VAL C 171 -15.42 28.23 -16.98
N ILE C 172 -15.55 27.80 -15.73
CA ILE C 172 -16.10 28.65 -14.64
C ILE C 172 -15.17 28.49 -13.45
N SER C 173 -14.57 29.57 -12.95
CA SER C 173 -13.77 29.53 -11.71
C SER C 173 -14.47 30.22 -10.55
N LEU C 174 -14.68 29.50 -9.45
CA LEU C 174 -15.42 30.02 -8.30
C LEU C 174 -14.55 30.00 -7.07
N PRO C 175 -14.66 31.04 -6.20
CA PRO C 175 -13.80 31.08 -5.02
C PRO C 175 -14.08 29.89 -4.07
N LYS C 176 -13.01 29.26 -3.62
CA LYS C 176 -13.10 28.11 -2.76
C LYS C 176 -13.81 28.50 -1.46
N ASN C 177 -13.51 29.71 -0.97
CA ASN C 177 -14.10 30.17 0.31
C ASN C 177 -15.57 30.63 0.21
N ASP C 178 -16.19 30.50 -0.96
CA ASP C 178 -17.64 30.79 -1.11
C ASP C 178 -18.30 29.83 -2.11
N LEU C 179 -17.78 28.60 -2.17
CA LEU C 179 -18.09 27.70 -3.31
C LEU C 179 -19.57 27.38 -3.38
N LEU C 180 -20.14 26.95 -2.24
CA LEU C 180 -21.49 26.48 -2.18
C LEU C 180 -22.49 27.57 -2.54
N GLN C 181 -22.35 28.76 -1.94
CA GLN C 181 -23.23 29.92 -2.26
C GLN C 181 -23.16 30.31 -3.75
N ARG C 182 -21.96 30.34 -4.27
CA ARG C 182 -21.77 30.63 -5.67
C ARG C 182 -22.35 29.60 -6.55
N LEU C 183 -22.29 28.30 -6.17
CA LEU C 183 -22.94 27.28 -6.96
C LEU C 183 -24.48 27.43 -6.90
N ASP C 184 -24.97 27.68 -5.69
CA ASP C 184 -26.41 27.94 -5.47
C ASP C 184 -26.89 29.12 -6.31
N ALA C 185 -26.07 30.14 -6.45
CA ALA C 185 -26.45 31.30 -7.30
C ALA C 185 -26.50 30.97 -8.77
N LEU C 186 -25.51 30.22 -9.31
CA LEU C 186 -25.59 29.76 -10.73
C LEU C 186 -26.80 28.94 -11.08
N VAL C 187 -27.19 28.07 -10.16
CA VAL C 187 -28.31 27.18 -10.28
C VAL C 187 -29.63 28.00 -10.30
N ALA C 188 -29.68 29.11 -9.57
CA ALA C 188 -30.87 29.99 -9.51
C ALA C 188 -31.00 30.89 -10.71
N GLU C 189 -29.92 31.21 -11.40
CA GLU C 189 -29.97 32.04 -12.59
C GLU C 189 -30.31 31.27 -13.91
N GLU C 190 -29.97 29.96 -13.97
CA GLU C 190 -30.07 29.17 -15.21
C GLU C 190 -30.54 27.76 -14.92
N HIS C 191 -31.03 27.04 -15.93
CA HIS C 191 -31.31 25.62 -15.78
C HIS C 191 -29.99 24.89 -15.95
N LEU C 192 -29.41 24.51 -14.84
CA LEU C 192 -28.20 23.72 -14.88
C LEU C 192 -28.12 22.89 -13.60
N THR C 193 -27.40 21.78 -13.70
CA THR C 193 -27.32 20.80 -12.63
C THR C 193 -25.87 20.71 -12.18
N VAL C 194 -25.66 20.78 -10.86
CA VAL C 194 -24.31 20.64 -10.30
C VAL C 194 -24.06 19.15 -10.06
N ASP C 195 -22.84 18.74 -10.38
CA ASP C 195 -22.37 17.40 -10.12
C ASP C 195 -22.34 17.07 -8.61
N ALA C 196 -22.76 15.87 -8.27
CA ALA C 196 -22.83 15.47 -6.84
C ALA C 196 -21.48 15.44 -6.13
N ARG C 197 -20.40 15.19 -6.84
CA ARG C 197 -19.08 15.31 -6.20
C ARG C 197 -18.65 16.73 -5.96
N VAL C 198 -18.92 17.58 -6.94
CA VAL C 198 -18.73 19.00 -6.74
C VAL C 198 -19.49 19.53 -5.50
N TYR C 199 -20.78 19.22 -5.41
CA TYR C 199 -21.62 19.67 -4.33
C TYR C 199 -21.17 19.17 -3.00
N SER C 200 -20.75 17.93 -2.93
CA SER C 200 -20.22 17.33 -1.70
C SER C 200 -18.98 18.04 -1.27
N TYR C 201 -18.07 18.28 -2.20
CA TYR C 201 -16.88 19.08 -1.94
C TYR C 201 -17.28 20.47 -1.37
N ALA C 202 -18.22 21.19 -2.03
CA ALA C 202 -18.62 22.52 -1.58
C ALA C 202 -19.25 22.49 -0.15
N LEU C 203 -20.00 21.45 0.11
CA LEU C 203 -20.65 21.35 1.44
C LEU C 203 -19.59 21.19 2.56
N ALA C 204 -18.62 20.29 2.33
CA ALA C 204 -17.52 20.12 3.33
C ALA C 204 -16.71 21.40 3.55
N LEU C 205 -16.42 22.13 2.47
CA LEU C 205 -15.74 23.39 2.63
C LEU C 205 -16.51 24.32 3.61
N LYS C 206 -17.83 24.45 3.42
CA LYS C 206 -18.69 25.27 4.31
C LYS C 206 -18.69 24.71 5.74
N HIS C 207 -18.80 23.40 5.87
CA HIS C 207 -18.85 22.74 7.21
C HIS C 207 -17.56 22.69 7.97
N ALA C 208 -16.43 22.80 7.29
CA ALA C 208 -15.14 22.78 7.96
C ALA C 208 -15.05 23.93 8.95
N LYS D 15 -28.52 26.71 -26.70
CA LYS D 15 -27.43 26.42 -27.68
C LYS D 15 -27.46 24.95 -28.14
N GLN D 16 -27.35 23.94 -27.26
CA GLN D 16 -27.49 22.51 -27.64
C GLN D 16 -28.83 21.92 -27.19
N TYR D 17 -29.31 20.84 -27.82
CA TYR D 17 -30.64 20.27 -27.46
C TYR D 17 -30.79 18.83 -27.81
N ILE D 18 -31.69 18.15 -27.08
CA ILE D 18 -32.11 16.76 -27.32
C ILE D 18 -33.06 16.77 -28.51
N ILE D 19 -32.89 15.80 -29.40
CA ILE D 19 -33.70 15.62 -30.64
C ILE D 19 -34.56 14.37 -30.44
N SER D 20 -33.96 13.26 -30.00
CA SER D 20 -34.73 12.04 -29.72
C SER D 20 -34.14 11.12 -28.68
N GLU D 21 -35.00 10.28 -28.12
CA GLU D 21 -34.62 9.25 -27.17
C GLU D 21 -35.21 7.88 -27.58
N GLU D 22 -34.34 6.96 -27.98
CA GLU D 22 -34.75 5.64 -28.48
C GLU D 22 -34.45 4.60 -27.39
N LEU D 23 -35.48 3.95 -26.87
CA LEU D 23 -35.32 2.90 -25.87
C LEU D 23 -34.52 1.78 -26.50
N ILE D 24 -33.41 1.40 -25.87
CA ILE D 24 -32.61 0.23 -26.32
C ILE D 24 -32.92 -1.03 -25.53
N SER D 25 -32.95 -0.94 -24.20
CA SER D 25 -33.27 -2.12 -23.40
C SER D 25 -33.75 -1.61 -22.04
N GLU D 26 -34.85 -2.18 -21.57
CA GLU D 26 -35.51 -1.78 -20.31
C GLU D 26 -35.69 -2.97 -19.40
N GLY D 27 -35.04 -2.98 -18.24
CA GLY D 27 -35.29 -3.96 -17.17
C GLY D 27 -36.31 -3.42 -16.18
N LYS D 28 -36.39 -4.06 -15.02
CA LYS D 28 -37.31 -3.66 -13.96
C LYS D 28 -36.90 -2.35 -13.26
N TRP D 29 -35.58 -2.15 -13.11
CA TRP D 29 -35.01 -1.03 -12.36
C TRP D 29 -34.22 0.01 -13.18
N VAL D 30 -33.73 -0.41 -14.36
CA VAL D 30 -32.71 0.34 -15.09
C VAL D 30 -32.95 0.13 -16.58
N LYS D 31 -32.72 1.18 -17.36
CA LYS D 31 -32.88 1.10 -18.81
C LYS D 31 -31.81 1.89 -19.55
N LEU D 32 -31.61 1.54 -20.82
CA LEU D 32 -30.54 2.06 -21.63
C LEU D 32 -31.21 2.67 -22.87
N GLU D 33 -30.77 3.85 -23.26
CA GLU D 33 -31.34 4.57 -24.39
C GLU D 33 -30.28 5.10 -25.29
N LYS D 34 -30.66 5.33 -26.54
CA LYS D 34 -29.80 6.01 -27.50
C LYS D 34 -30.31 7.45 -27.67
N THR D 35 -29.48 8.42 -27.29
CA THR D 35 -29.86 9.81 -27.35
C THR D 35 -29.36 10.51 -28.59
N THR D 36 -30.25 11.11 -29.37
CA THR D 36 -29.78 12.03 -30.40
C THR D 36 -29.91 13.50 -29.95
N TYR D 37 -28.90 14.29 -30.23
CA TYR D 37 -28.86 15.69 -29.85
C TYR D 37 -28.12 16.53 -30.90
N MET D 38 -28.21 17.85 -30.79
CA MET D 38 -27.56 18.80 -31.65
C MET D 38 -26.49 19.56 -30.90
N ASP D 39 -25.27 19.55 -31.45
CA ASP D 39 -24.13 20.29 -30.92
C ASP D 39 -24.20 21.80 -31.24
N PRO D 40 -23.30 22.61 -30.66
CA PRO D 40 -23.47 24.05 -30.87
C PRO D 40 -23.28 24.52 -32.33
N THR D 41 -22.38 23.88 -33.06
CA THR D 41 -22.14 24.19 -34.48
C THR D 41 -23.34 23.91 -35.39
N GLY D 42 -24.30 23.10 -34.93
CA GLY D 42 -25.49 22.76 -35.71
C GLY D 42 -25.57 21.31 -36.18
N LYS D 43 -24.54 20.52 -35.87
CA LYS D 43 -24.47 19.10 -36.25
C LYS D 43 -25.14 18.08 -35.27
N THR D 44 -25.77 17.06 -35.85
CA THR D 44 -26.43 15.96 -35.12
C THR D 44 -25.39 14.94 -34.62
N ARG D 45 -25.46 14.53 -33.33
CA ARG D 45 -24.66 13.41 -32.78
C ARG D 45 -25.48 12.44 -31.92
N THR D 46 -24.89 11.33 -31.48
CA THR D 46 -25.63 10.40 -30.55
C THR D 46 -24.89 10.14 -29.24
N TRP D 47 -25.56 9.46 -28.30
CA TRP D 47 -25.00 9.11 -27.00
C TRP D 47 -25.73 7.97 -26.37
N GLU D 48 -25.04 7.14 -25.60
CA GLU D 48 -25.71 6.07 -24.88
C GLU D 48 -25.97 6.53 -23.44
N SER D 49 -27.23 6.53 -23.01
CA SER D 49 -27.70 7.02 -21.71
C SER D 49 -28.45 5.99 -20.85
N VAL D 50 -28.10 5.96 -19.57
CA VAL D 50 -28.68 5.07 -18.62
C VAL D 50 -29.69 5.87 -17.79
N LYS D 51 -30.88 5.31 -17.57
CA LYS D 51 -31.90 5.95 -16.71
C LYS D 51 -32.53 4.88 -15.82
N ARG D 52 -32.99 5.26 -14.62
CA ARG D 52 -33.74 4.32 -13.79
C ARG D 52 -35.20 4.37 -14.26
N THR D 53 -35.93 3.33 -13.89
CA THR D 53 -37.35 3.18 -14.26
C THR D 53 -38.33 3.69 -13.19
N THR D 54 -37.85 4.38 -12.14
CA THR D 54 -38.69 5.47 -11.41
C THR D 54 -38.07 6.80 -11.78
N ALA D 60 -36.08 14.18 -8.07
CA ALA D 60 -34.85 13.39 -8.16
C ALA D 60 -35.08 11.91 -7.93
N ASP D 61 -34.09 11.05 -8.27
CA ASP D 61 -34.20 9.62 -7.99
C ASP D 61 -34.10 9.34 -6.48
N GLY D 62 -33.10 9.95 -5.84
CA GLY D 62 -32.64 9.57 -4.49
C GLY D 62 -32.30 10.70 -3.57
N VAL D 63 -31.94 10.31 -2.34
CA VAL D 63 -31.30 11.18 -1.38
C VAL D 63 -30.03 10.47 -0.90
N ALA D 64 -29.05 11.28 -0.56
CA ALA D 64 -27.88 10.88 0.25
C ALA D 64 -27.83 11.82 1.42
N VAL D 65 -27.51 11.25 2.57
CA VAL D 65 -27.57 11.98 3.82
C VAL D 65 -26.14 12.14 4.30
N ILE D 66 -25.79 13.38 4.64
CA ILE D 66 -24.53 13.61 5.33
C ILE D 66 -24.88 13.75 6.84
N PRO D 67 -24.65 12.70 7.63
CA PRO D 67 -25.14 12.69 9.03
C PRO D 67 -24.01 13.05 10.03
N VAL D 68 -24.12 14.21 10.63
CA VAL D 68 -23.12 14.75 11.57
C VAL D 68 -23.63 14.50 13.04
N LEU D 69 -23.04 13.53 13.70
CA LEU D 69 -23.38 13.12 15.09
C LEU D 69 -22.69 14.10 16.06
N GLN D 70 -23.49 14.85 16.80
CA GLN D 70 -22.97 15.91 17.67
C GLN D 70 -23.27 15.60 19.14
N ARG D 71 -22.25 15.72 19.97
CA ARG D 71 -22.38 15.54 21.41
C ARG D 71 -21.58 16.68 22.01
N THR D 72 -22.14 17.38 22.99
CA THR D 72 -21.35 18.42 23.69
C THR D 72 -20.05 17.82 24.29
N LEU D 73 -19.02 18.65 24.27
CA LEU D 73 -17.70 18.26 24.74
C LEU D 73 -17.03 17.10 23.99
N HIS D 74 -17.50 16.79 22.77
CA HIS D 74 -16.91 15.74 21.95
C HIS D 74 -16.71 16.26 20.51
N TYR D 75 -15.84 15.57 19.77
CA TYR D 75 -15.62 15.78 18.31
C TYR D 75 -16.90 15.31 17.60
N GLU D 76 -17.19 15.95 16.47
CA GLU D 76 -18.25 15.47 15.58
C GLU D 76 -17.79 14.24 14.85
N CYS D 77 -18.76 13.39 14.53
CA CYS D 77 -18.53 12.21 13.69
C CYS D 77 -19.47 12.25 12.49
N ILE D 78 -19.04 11.56 11.45
CA ILE D 78 -19.77 11.51 10.18
C ILE D 78 -20.16 10.06 10.12
N VAL D 79 -21.47 9.83 10.10
CA VAL D 79 -21.96 8.49 10.14
C VAL D 79 -22.08 7.96 8.73
N LEU D 80 -21.42 6.87 8.43
CA LEU D 80 -21.41 6.27 7.10
C LEU D 80 -21.95 4.91 7.21
N VAL D 81 -22.11 4.24 6.06
CA VAL D 81 -22.64 2.88 6.04
C VAL D 81 -21.84 2.04 5.10
N LYS D 82 -21.65 0.73 5.41
CA LYS D 82 -20.97 -0.25 4.48
C LYS D 82 -21.94 -1.26 4.12
N GLN D 83 -21.91 -1.63 2.84
CA GLN D 83 -22.80 -2.64 2.34
C GLN D 83 -22.22 -3.24 1.12
N PHE D 84 -22.68 -4.44 0.80
CA PHE D 84 -22.33 -5.09 -0.45
C PHE D 84 -23.11 -4.46 -1.60
N ARG D 85 -22.39 -4.11 -2.66
CA ARG D 85 -22.99 -3.47 -3.84
C ARG D 85 -22.79 -4.40 -5.05
N PRO D 86 -23.83 -5.17 -5.40
CA PRO D 86 -23.73 -6.05 -6.58
C PRO D 86 -23.12 -5.47 -7.80
N PRO D 87 -23.44 -4.20 -8.18
CA PRO D 87 -22.74 -3.72 -9.35
C PRO D 87 -21.19 -3.62 -9.19
N MET D 88 -20.73 -3.33 -7.96
CA MET D 88 -19.28 -3.21 -7.71
C MET D 88 -18.62 -4.53 -7.43
N GLY D 89 -19.39 -5.59 -7.20
CA GLY D 89 -18.74 -6.82 -6.80
C GLY D 89 -18.08 -6.78 -5.44
N GLY D 90 -18.47 -5.87 -4.55
CA GLY D 90 -17.74 -5.75 -3.32
C GLY D 90 -18.41 -4.77 -2.43
N TYR D 91 -17.86 -4.61 -1.26
CA TYR D 91 -18.39 -3.76 -0.24
C TYR D 91 -17.94 -2.27 -0.45
N CYS D 92 -18.87 -1.33 -0.22
CA CYS D 92 -18.65 0.06 -0.40
C CYS D 92 -19.00 0.81 0.89
N ILE D 93 -18.30 1.89 1.09
CA ILE D 93 -18.55 2.78 2.22
C ILE D 93 -19.14 4.06 1.66
N GLU D 94 -20.34 4.37 2.12
CA GLU D 94 -21.17 5.43 1.52
C GLU D 94 -21.84 6.24 2.55
N PHE D 95 -22.37 7.41 2.14
CA PHE D 95 -23.32 8.16 2.96
C PHE D 95 -24.59 7.30 2.96
N PRO D 96 -25.30 7.29 4.07
CA PRO D 96 -26.68 6.65 3.98
C PRO D 96 -27.53 7.29 2.86
N ALA D 97 -28.28 6.44 2.16
CA ALA D 97 -28.97 6.85 0.95
C ALA D 97 -30.06 5.88 0.65
N GLY D 98 -31.04 6.38 -0.10
CA GLY D 98 -32.04 5.49 -0.73
C GLY D 98 -32.86 6.26 -1.75
N LEU D 99 -33.73 5.55 -2.49
CA LEU D 99 -34.66 6.27 -3.39
C LEU D 99 -35.76 6.97 -2.64
N ILE D 100 -36.28 8.03 -3.24
CA ILE D 100 -37.39 8.80 -2.68
C ILE D 100 -38.68 8.05 -3.02
N ASP D 101 -39.52 7.82 -2.02
CA ASP D 101 -40.81 7.10 -2.24
C ASP D 101 -41.76 8.02 -2.99
N ASP D 102 -42.68 7.46 -3.78
CA ASP D 102 -43.74 8.29 -4.44
C ASP D 102 -44.47 9.13 -3.39
N GLY D 103 -44.53 10.44 -3.61
CA GLY D 103 -45.20 11.38 -2.71
C GLY D 103 -44.31 12.16 -1.77
N GLU D 104 -43.37 11.42 -1.18
CA GLU D 104 -42.52 11.84 -0.04
C GLU D 104 -41.50 12.90 -0.42
N THR D 105 -41.25 13.84 0.48
CA THR D 105 -40.36 14.96 0.21
C THR D 105 -38.90 14.44 0.34
N PRO D 106 -37.94 15.17 -0.24
CA PRO D 106 -36.52 14.76 -0.02
C PRO D 106 -36.11 14.77 1.46
N GLU D 107 -36.49 15.83 2.18
CA GLU D 107 -36.16 15.92 3.60
C GLU D 107 -36.69 14.73 4.35
N ALA D 108 -37.92 14.30 4.06
CA ALA D 108 -38.51 13.22 4.83
C ALA D 108 -37.89 11.93 4.38
N ALA D 109 -37.57 11.79 3.08
CA ALA D 109 -36.87 10.60 2.66
C ALA D 109 -35.51 10.52 3.41
N ALA D 110 -34.91 11.69 3.60
CA ALA D 110 -33.57 11.73 4.22
C ALA D 110 -33.67 11.20 5.68
N LEU D 111 -34.61 11.79 6.44
CA LEU D 111 -34.80 11.31 7.86
C LEU D 111 -35.19 9.84 7.93
N ARG D 112 -35.97 9.36 6.97
CA ARG D 112 -36.35 7.96 6.97
C ARG D 112 -35.22 7.05 6.67
N GLU D 113 -34.54 7.29 5.55
CA GLU D 113 -33.37 6.49 5.19
C GLU D 113 -32.27 6.53 6.25
N LEU D 114 -32.03 7.67 6.88
CA LEU D 114 -30.99 7.68 7.92
C LEU D 114 -31.39 6.73 9.11
N GLU D 115 -32.64 6.88 9.59
CA GLU D 115 -33.19 6.00 10.67
C GLU D 115 -33.20 4.52 10.29
N GLU D 116 -33.68 4.19 9.08
CA GLU D 116 -33.60 2.81 8.59
C GLU D 116 -32.24 2.21 8.56
N GLU D 117 -31.26 2.96 8.01
CA GLU D 117 -29.94 2.39 7.79
C GLU D 117 -28.98 2.53 8.98
N THR D 118 -29.23 3.51 9.83
CA THR D 118 -28.39 3.73 10.98
C THR D 118 -29.05 3.68 12.35
N GLY D 119 -30.35 3.88 12.44
CA GLY D 119 -31.07 3.99 13.74
C GLY D 119 -31.22 5.43 14.22
N TYR D 120 -30.38 6.36 13.72
CA TYR D 120 -30.42 7.71 14.23
C TYR D 120 -31.62 8.51 13.76
N LYS D 121 -31.98 9.46 14.60
CA LYS D 121 -33.08 10.36 14.46
C LYS D 121 -32.46 11.74 14.34
N GLY D 122 -32.45 12.22 13.10
CA GLY D 122 -31.87 13.50 12.75
C GLY D 122 -32.79 14.65 12.69
N ASP D 123 -32.19 15.82 12.61
CA ASP D 123 -32.78 17.08 12.28
C ASP D 123 -32.14 17.64 10.96
N ILE D 124 -32.99 18.12 10.08
CA ILE D 124 -32.58 18.63 8.80
C ILE D 124 -31.79 19.88 9.03
N ALA D 125 -30.57 19.97 8.47
CA ALA D 125 -29.77 21.21 8.54
C ALA D 125 -29.91 21.95 7.23
N GLU D 126 -29.78 21.24 6.11
CA GLU D 126 -29.95 21.84 4.75
C GLU D 126 -30.21 20.73 3.71
N CYS D 127 -30.67 21.15 2.53
CA CYS D 127 -31.00 20.18 1.52
C CYS D 127 -30.59 20.75 0.16
N SER D 128 -29.84 19.99 -0.63
CA SER D 128 -29.36 20.51 -1.92
C SER D 128 -30.50 20.47 -2.93
N PRO D 129 -30.32 21.18 -4.05
CA PRO D 129 -31.12 20.87 -5.21
C PRO D 129 -30.66 19.55 -5.80
N ALA D 130 -31.39 19.08 -6.79
CA ALA D 130 -31.06 17.82 -7.41
C ALA D 130 -29.69 17.91 -8.11
N VAL D 131 -28.81 16.96 -7.77
CA VAL D 131 -27.41 16.98 -8.27
C VAL D 131 -27.19 15.68 -9.02
N CYS D 132 -26.36 15.70 -10.07
CA CYS D 132 -26.19 14.55 -10.93
C CYS D 132 -25.13 13.57 -10.45
N MET D 133 -25.47 12.30 -10.53
CA MET D 133 -24.56 11.21 -10.12
C MET D 133 -23.40 10.86 -11.06
N ASP D 134 -23.63 10.84 -12.37
CA ASP D 134 -22.59 10.56 -13.34
C ASP D 134 -23.13 11.02 -14.71
N PRO D 135 -23.03 12.34 -15.00
CA PRO D 135 -23.92 12.94 -16.05
C PRO D 135 -23.47 12.59 -17.46
N GLY D 136 -22.20 12.17 -17.62
CA GLY D 136 -21.76 11.66 -18.90
C GLY D 136 -22.28 10.26 -19.20
N LEU D 137 -23.00 9.63 -18.27
CA LEU D 137 -23.48 8.26 -18.38
C LEU D 137 -24.98 8.09 -18.11
N SER D 138 -25.48 8.65 -17.01
CA SER D 138 -26.85 8.45 -16.60
C SER D 138 -27.54 9.76 -16.32
N ASN D 139 -28.88 9.71 -16.18
CA ASN D 139 -29.60 10.92 -15.83
C ASN D 139 -29.83 10.97 -14.37
N CYS D 140 -29.23 10.05 -13.59
CA CYS D 140 -29.62 9.93 -12.18
C CYS D 140 -29.18 11.13 -11.37
N THR D 141 -30.05 11.52 -10.43
CA THR D 141 -29.85 12.64 -9.55
C THR D 141 -30.24 12.28 -8.09
N ILE D 142 -29.75 13.09 -7.16
CA ILE D 142 -30.16 12.96 -5.77
C ILE D 142 -30.24 14.34 -5.20
N HIS D 143 -30.83 14.42 -4.01
CA HIS D 143 -30.62 15.57 -3.13
C HIS D 143 -29.68 15.08 -2.04
N ILE D 144 -28.66 15.88 -1.82
CA ILE D 144 -27.76 15.67 -0.67
C ILE D 144 -28.31 16.45 0.50
N VAL D 145 -28.64 15.72 1.59
CA VAL D 145 -29.34 16.32 2.71
C VAL D 145 -28.41 16.26 3.90
N THR D 146 -28.04 17.45 4.46
CA THR D 146 -27.14 17.49 5.63
C THR D 146 -28.04 17.38 6.87
N VAL D 147 -27.75 16.44 7.75
CA VAL D 147 -28.62 16.12 8.91
C VAL D 147 -27.77 16.08 10.17
N THR D 148 -28.14 16.89 11.16
CA THR D 148 -27.40 16.85 12.44
C THR D 148 -28.11 15.85 13.34
N ILE D 149 -27.34 15.15 14.14
CA ILE D 149 -27.89 14.12 15.06
C ILE D 149 -27.51 14.60 16.44
N ASN D 150 -28.49 14.76 17.30
CA ASN D 150 -28.23 15.20 18.70
C ASN D 150 -27.94 13.94 19.48
N GLY D 151 -26.63 13.60 19.60
CA GLY D 151 -26.21 12.36 20.23
C GLY D 151 -26.35 12.38 21.78
N ASP D 152 -26.75 13.52 22.34
CA ASP D 152 -26.99 13.67 23.79
C ASP D 152 -28.43 13.25 24.17
N ASP D 153 -29.35 13.28 23.18
CA ASP D 153 -30.73 12.80 23.37
C ASP D 153 -30.75 11.30 23.53
N ALA D 154 -31.60 10.84 24.46
CA ALA D 154 -31.73 9.41 24.75
C ALA D 154 -32.05 8.51 23.51
N GLU D 155 -32.90 9.00 22.62
CA GLU D 155 -33.27 8.26 21.40
C GLU D 155 -32.06 7.97 20.50
N ASN D 156 -31.02 8.81 20.61
CA ASN D 156 -29.73 8.61 19.89
C ASN D 156 -28.61 8.03 20.73
N ALA D 157 -28.92 7.52 21.94
CA ALA D 157 -27.90 6.90 22.79
C ALA D 157 -27.25 5.67 22.15
N ARG D 158 -28.05 4.65 21.83
CA ARG D 158 -27.52 3.44 21.17
C ARG D 158 -28.57 2.80 20.25
N PRO D 159 -29.08 3.58 19.27
CA PRO D 159 -30.07 3.08 18.31
C PRO D 159 -29.48 2.02 17.34
N LYS D 160 -30.36 1.16 16.81
CA LYS D 160 -30.00 0.14 15.81
C LYS D 160 -30.83 0.30 14.52
N PRO D 161 -30.24 -0.09 13.37
CA PRO D 161 -30.95 0.10 12.08
C PRO D 161 -32.20 -0.78 12.05
N LYS D 162 -33.26 -0.35 11.34
CA LYS D 162 -34.37 -1.23 10.94
C LYS D 162 -34.34 -1.45 9.41
N PRO D 163 -33.53 -2.41 8.94
CA PRO D 163 -33.46 -2.65 7.51
C PRO D 163 -34.70 -3.29 6.87
N GLY D 164 -34.98 -2.96 5.61
CA GLY D 164 -35.91 -3.73 4.79
C GLY D 164 -35.37 -5.13 4.46
N ASP D 165 -36.23 -5.95 3.82
CA ASP D 165 -35.88 -7.33 3.44
C ASP D 165 -34.74 -7.24 2.43
N GLY D 166 -33.77 -8.15 2.55
CA GLY D 166 -32.59 -8.10 1.71
C GLY D 166 -31.60 -6.96 1.88
N GLU D 167 -31.83 -6.06 2.85
CA GLU D 167 -31.01 -4.85 3.07
C GLU D 167 -30.14 -5.16 4.29
N PHE D 168 -28.80 -5.17 4.10
CA PHE D 168 -27.84 -5.56 5.16
C PHE D 168 -26.76 -4.49 5.24
N VAL D 169 -26.81 -3.64 6.25
CA VAL D 169 -25.93 -2.45 6.28
C VAL D 169 -25.19 -2.40 7.61
N GLU D 170 -23.86 -2.17 7.59
CA GLU D 170 -23.04 -1.90 8.79
C GLU D 170 -22.87 -0.39 8.92
N VAL D 171 -23.06 0.16 10.12
CA VAL D 171 -22.81 1.58 10.40
C VAL D 171 -21.31 1.70 10.72
N ILE D 172 -20.71 2.75 10.17
CA ILE D 172 -19.28 3.11 10.41
C ILE D 172 -19.26 4.59 10.72
N SER D 173 -19.12 4.93 11.99
CA SER D 173 -19.05 6.32 12.41
C SER D 173 -17.56 6.70 12.48
N LEU D 174 -17.16 7.76 11.80
CA LEU D 174 -15.76 8.20 11.76
C LEU D 174 -15.67 9.61 12.23
N PRO D 175 -14.60 9.92 12.95
CA PRO D 175 -14.47 11.31 13.34
C PRO D 175 -14.29 12.20 12.11
N LYS D 176 -15.03 13.28 12.12
CA LYS D 176 -15.01 14.28 11.09
C LYS D 176 -13.55 14.86 10.94
N ASN D 177 -12.89 15.05 12.07
CA ASN D 177 -11.58 15.71 12.11
C ASN D 177 -10.42 14.96 11.45
N ASP D 178 -10.55 13.66 11.22
CA ASP D 178 -9.51 12.92 10.58
C ASP D 178 -10.14 12.05 9.54
N LEU D 179 -11.23 12.51 8.95
CA LEU D 179 -11.93 11.67 8.01
C LEU D 179 -11.16 11.12 6.84
N LEU D 180 -10.42 11.95 6.13
CA LEU D 180 -9.72 11.45 4.98
C LEU D 180 -8.72 10.35 5.34
N GLN D 181 -7.96 10.53 6.44
CA GLN D 181 -6.90 9.55 6.84
C GLN D 181 -7.56 8.21 7.20
N ARG D 182 -8.72 8.30 7.82
CA ARG D 182 -9.46 7.09 8.24
C ARG D 182 -9.93 6.35 7.06
N LEU D 183 -10.41 7.08 6.06
CA LEU D 183 -10.85 6.42 4.84
C LEU D 183 -9.72 5.78 4.07
N ASP D 184 -8.58 6.48 4.01
CA ASP D 184 -7.40 5.91 3.37
C ASP D 184 -6.95 4.64 4.11
N ALA D 185 -7.05 4.64 5.46
CA ALA D 185 -6.61 3.51 6.30
C ALA D 185 -7.49 2.29 6.00
N LEU D 186 -8.80 2.52 5.96
CA LEU D 186 -9.73 1.46 5.58
C LEU D 186 -9.41 0.88 4.26
N VAL D 187 -9.14 1.71 3.27
CA VAL D 187 -8.84 1.27 1.92
C VAL D 187 -7.53 0.49 1.78
N ALA D 188 -6.54 0.86 2.60
CA ALA D 188 -5.25 0.21 2.56
C ALA D 188 -5.31 -1.21 3.15
N GLU D 189 -6.26 -1.42 4.05
CA GLU D 189 -6.33 -2.65 4.87
C GLU D 189 -7.45 -3.61 4.43
N GLU D 190 -8.55 -3.11 3.86
CA GLU D 190 -9.77 -3.94 3.70
C GLU D 190 -10.28 -3.91 2.28
N HIS D 191 -10.99 -4.99 1.92
CA HIS D 191 -11.47 -5.20 0.57
C HIS D 191 -12.72 -4.33 0.53
N LEU D 192 -12.55 -3.06 0.20
CA LEU D 192 -13.75 -2.21 0.08
C LEU D 192 -13.40 -0.97 -0.73
N THR D 193 -14.44 -0.29 -1.23
CA THR D 193 -14.32 0.93 -2.03
C THR D 193 -15.08 2.09 -1.35
N VAL D 194 -14.44 3.25 -1.30
CA VAL D 194 -15.09 4.44 -0.74
C VAL D 194 -15.78 5.14 -1.89
N ASP D 195 -16.93 5.67 -1.57
CA ASP D 195 -17.71 6.41 -2.52
C ASP D 195 -17.06 7.74 -2.81
N ALA D 196 -17.14 8.15 -4.07
CA ALA D 196 -16.60 9.42 -4.51
C ALA D 196 -17.14 10.65 -3.85
N ARG D 197 -18.42 10.64 -3.49
N ARG D 197 -18.46 10.67 -3.55
CA ARG D 197 -19.00 11.75 -2.78
CA ARG D 197 -19.05 11.76 -2.73
C ARG D 197 -18.47 11.86 -1.34
C ARG D 197 -18.40 11.84 -1.36
N VAL D 198 -18.29 10.71 -0.68
CA VAL D 198 -17.69 10.65 0.67
C VAL D 198 -16.20 11.09 0.61
N TYR D 199 -15.51 10.66 -0.40
CA TYR D 199 -14.09 11.04 -0.57
C TYR D 199 -13.95 12.53 -0.90
N SER D 200 -14.84 13.05 -1.72
CA SER D 200 -14.83 14.45 -2.07
C SER D 200 -15.10 15.27 -0.84
N TYR D 201 -16.10 14.89 -0.01
CA TYR D 201 -16.34 15.57 1.31
C TYR D 201 -15.08 15.57 2.16
N ALA D 202 -14.50 14.39 2.34
CA ALA D 202 -13.32 14.20 3.16
C ALA D 202 -12.12 15.10 2.67
N LEU D 203 -11.93 15.13 1.36
CA LEU D 203 -10.91 16.02 0.74
C LEU D 203 -11.11 17.46 1.09
N ALA D 204 -12.35 17.95 0.91
CA ALA D 204 -12.64 19.33 1.18
C ALA D 204 -12.44 19.72 2.65
N LEU D 205 -12.66 18.79 3.61
CA LEU D 205 -12.39 19.12 5.03
C LEU D 205 -10.88 19.48 5.26
N LYS D 206 -10.00 18.92 4.42
CA LYS D 206 -8.60 19.24 4.43
C LYS D 206 -8.28 20.47 3.65
N HIS D 207 -8.91 20.61 2.49
CA HIS D 207 -8.62 21.77 1.62
C HIS D 207 -9.15 23.10 2.10
N ALA D 208 -10.23 23.11 2.90
CA ALA D 208 -10.77 24.34 3.50
C ALA D 208 -9.74 25.14 4.21
N ASN D 209 -9.93 26.44 4.15
CA ASN D 209 -9.04 27.46 4.80
C ASN D 209 -7.68 27.59 4.07
MG MG E . 13.02 -12.45 19.54
MG MG F . 11.45 -14.16 21.86
CL CL G . 14.36 -5.09 -10.58
N1 K1S H . 38.49 -11.29 9.78
N3 K1S H . 40.73 -10.70 7.01
C4 K1S H . 38.37 -9.89 7.23
C5 K1S H . 37.30 -9.93 8.15
C6 K1S H . 37.41 -10.63 9.38
C7 K1S H . 36.23 -10.65 10.27
C8 K1S H . 39.56 -11.26 8.90
N K1S H . 38.24 -9.25 5.98
C K1S H . 36.58 -7.41 6.02
C1 K1S H . 36.94 -8.79 5.43
C2 K1S H . 39.46 -8.68 5.27
C3 K1S H . 39.81 -9.51 4.03
C9 K1S H . 41.44 -11.44 7.92
N2 K1S H . 40.78 -11.78 9.07
N4 K1S H . 39.52 -10.58 7.63
C1 EDO I . 21.30 -15.79 15.22
O1 EDO I . 22.33 -14.80 15.44
C2 EDO I . 19.96 -15.08 15.33
O2 EDO I . 19.73 -14.18 14.25
C1 EDO J . 17.70 -4.72 -21.18
O1 EDO J . 18.91 -4.25 -20.60
C2 EDO J . 18.09 -5.44 -22.50
O2 EDO J . 19.05 -6.50 -22.17
MG MG K . 32.47 -9.90 -0.73
MG MG L . 36.38 -7.19 -1.90
N1 K1S M . 23.72 -10.94 25.13
N3 K1S M . 21.03 -11.65 27.48
C4 K1S M . 21.21 -12.41 25.11
C5 K1S M . 22.07 -12.31 24.00
C6 K1S M . 23.28 -11.58 24.05
C7 K1S M . 24.08 -11.57 22.81
C8 K1S M . 22.86 -11.01 26.24
N K1S M . 19.98 -13.14 25.02
C K1S M . 19.90 -14.91 23.39
C1 K1S M . 19.40 -13.53 23.71
C2 K1S M . 19.18 -13.59 26.24
C3 K1S M . 18.03 -12.68 26.69
C9 K1S M . 21.88 -10.89 28.19
N2 K1S M . 23.01 -10.49 27.49
N4 K1S M . 21.64 -11.73 26.25
C1 EDO N . 4.19 26.30 -13.46
O1 EDO N . 2.85 26.71 -13.92
C2 EDO N . 4.35 24.90 -12.88
O2 EDO N . 4.06 23.81 -13.80
MG MG O . -13.67 14.24 -21.28
MG MG P . -14.72 15.40 -19.83
N1 K1S Q . -22.04 7.35 -25.19
N3 K1S Q . -19.81 8.99 -27.54
C4 K1S Q . -19.40 8.59 -25.13
C5 K1S Q . -20.02 8.00 -24.02
C6 K1S Q . -21.30 7.43 -24.07
C7 K1S Q . -21.87 6.86 -22.84
C8 K1S Q . -21.42 7.91 -26.32
N K1S Q . -18.14 9.27 -25.00
C K1S Q . -16.79 8.26 -23.24
C1 K1S Q . -17.53 9.55 -23.68
C2 K1S Q . -17.23 9.51 -26.19
C3 K1S Q . -17.12 10.97 -26.58
C9 K1S Q . -20.88 8.64 -28.27
N2 K1S Q . -21.86 7.98 -27.60
N4 K1S Q . -20.13 8.54 -26.28
N1 K1S R . -31.46 -3.42 -9.43
N3 K1S R . -33.39 -4.65 -6.63
C4 K1S R . -32.59 -2.30 -6.97
C5 K1S R . -31.87 -1.55 -7.89
C6 K1S R . -31.34 -2.14 -9.08
C7 K1S R . -30.60 -1.25 -10.01
C8 K1S R . -32.21 -4.18 -8.55
N K1S R . -33.07 -1.68 -5.74
C K1S R . -33.50 0.72 -5.91
C1 K1S R . -32.61 -0.35 -5.28
C2 K1S R . -34.21 -2.28 -4.95
C3 K1S R . -33.78 -3.12 -3.74
C9 K1S R . -33.23 -5.72 -7.44
N2 K1S R . -32.53 -5.50 -8.61
N4 K1S R . -32.76 -3.66 -7.32
MG MG S . -29.58 2.69 0.92
MG MG T . -31.52 2.20 0.54
C1 EDO U . -17.07 7.05 -14.85
O1 EDO U . -18.43 6.91 -15.28
C2 EDO U . -16.65 8.49 -15.12
O2 EDO U . -17.39 9.37 -14.26
C1 EDO V . -28.88 6.96 -6.55
O1 EDO V . -27.51 7.30 -6.35
C2 EDO V . -29.27 7.44 -7.94
O2 EDO V . -28.83 6.51 -8.94
#